data_4HDH
#
_entry.id   4HDH
#
_cell.length_a   144.838
_cell.length_b   86.506
_cell.length_c   112.805
_cell.angle_alpha   90.00
_cell.angle_beta   90.00
_cell.angle_gamma   90.00
#
_symmetry.space_group_name_H-M   'P 21 21 2'
#
loop_
_entity.id
_entity.type
_entity.pdbx_description
1 polymer Polyprotein
2 non-polymer "ADENOSINE-5'-TRIPHOSPHATE"
3 non-polymer 'ZINC ION'
4 water water
#
_entity_poly.entity_id   1
_entity_poly.type   'polypeptide(L)'
_entity_poly.pdbx_seq_one_letter_code
;GPLGSVHSNQEKIKKRIQKLKEEFATTWHKDPEHPYRTWTYHGSYEVKATGSASSLVNGVVKLMSKPWDAIANVTTMAMT
DTTPFGQQRVFKEKVDTKAPEPPAGVREVLNETTNWLWAHLSREKRPRLCTKEEFIKKVNSNAALGAVFAEQNQWSTARE
AVNDPRFWEMVDEERENHLRGECHTCIYNMMGKREKKPGEFGKAKGSRAIWFMWLGARYLEFEALGFLNEDHWLSRENSG
GGVEGSGVQKLGYILRDIAGKQGGKMYADDTAGWDTRITRTDLENEAKVLELLDGEHRMLARAIIELTYRHKVVKVMRPA
AEGKTVMDVISREDQRGSGQVVTYALNTFTNIAVQLVRLMEAEGVIGPQHLEQLPRKNKIAVRTWLFENGEERVTRMAIS
GDDCVVKPLDDRFATALHFLNAMSKVRKDIQEWKPSHGWHDWQQVPFCSNHFQEIVMKDGRSIVVPCRGQDELIGRARIS
PGAGWNVKDTACLAKAYAQMWLLLYFHRRDLRLMANAICSAVPVDWVPTGRTSWSIHSKGEWMTTEDMLQVWNRVWIEEN
EWMMDKTPIASWTDVPYVGKREDIWCGSLIGTRSRATWAENIYAAINQVRAVIGKENYVDYMTSLRRYEDVLIQEDRVI
;
_entity_poly.pdbx_strand_id   A,B
#
loop_
_chem_comp.id
_chem_comp.type
_chem_comp.name
_chem_comp.formula
ATP non-polymer ADENOSINE-5'-TRIPHOSPHATE 'C10 H16 N5 O13 P3'
ZN non-polymer 'ZINC ION' 'Zn 2'
#
# COMPACT_ATOMS: atom_id res chain seq x y z
N SER A 8 -20.71 28.73 21.76
CA SER A 8 -21.37 27.49 22.26
C SER A 8 -20.46 26.23 22.24
N ASN A 9 -19.80 25.95 21.11
CA ASN A 9 -18.74 24.94 21.15
C ASN A 9 -17.59 25.41 22.04
N GLN A 10 -17.20 26.68 21.88
CA GLN A 10 -16.28 27.35 22.77
C GLN A 10 -16.59 27.00 24.21
N GLU A 11 -17.86 27.21 24.58
CA GLU A 11 -18.40 26.93 25.91
C GLU A 11 -18.21 25.49 26.40
N LYS A 12 -18.43 24.54 25.51
CA LYS A 12 -18.31 23.14 25.85
C LYS A 12 -16.88 22.67 26.06
N ILE A 13 -15.88 23.34 25.52
CA ILE A 13 -14.52 22.85 25.70
C ILE A 13 -13.71 23.73 26.67
N LYS A 14 -14.26 24.88 27.01
CA LYS A 14 -13.59 25.91 27.80
C LYS A 14 -12.91 25.35 29.05
N LYS A 15 -13.68 24.57 29.81
CA LYS A 15 -13.20 24.01 31.07
C LYS A 15 -11.97 23.10 30.96
N ARG A 16 -11.98 22.21 29.95
CA ARG A 16 -10.85 21.35 29.63
C ARG A 16 -9.62 22.12 29.17
N ILE A 17 -9.84 23.18 28.41
CA ILE A 17 -8.74 23.96 27.89
C ILE A 17 -8.11 24.70 29.05
N GLN A 18 -8.98 25.31 29.86
CA GLN A 18 -8.57 26.06 31.04
C GLN A 18 -7.77 25.20 32.00
N LYS A 19 -8.22 23.97 32.25
CA LYS A 19 -7.44 23.03 33.06
C LYS A 19 -6.01 22.89 32.55
N LEU A 20 -5.88 22.70 31.24
CA LEU A 20 -4.56 22.46 30.61
C LEU A 20 -3.68 23.71 30.60
N LYS A 21 -4.31 24.84 30.23
CA LYS A 21 -3.67 26.14 30.14
C LYS A 21 -3.07 26.54 31.50
N GLU A 22 -3.71 26.06 32.57
CA GLU A 22 -3.33 26.34 33.93
C GLU A 22 -2.22 25.38 34.42
N GLU A 23 -2.42 24.07 34.19
CA GLU A 23 -1.47 23.05 34.59
C GLU A 23 -0.06 23.25 33.98
N PHE A 24 -0.01 23.84 32.79
CA PHE A 24 1.23 24.04 32.06
C PHE A 24 1.46 25.50 31.71
N ALA A 25 0.91 26.39 32.56
CA ALA A 25 0.99 27.84 32.40
C ALA A 25 2.42 28.27 32.28
N THR A 26 3.33 27.53 32.92
CA THR A 26 4.75 27.74 32.82
C THR A 26 5.23 27.92 31.37
N THR A 27 5.00 26.89 30.54
CA THR A 27 5.56 26.84 29.18
C THR A 27 4.56 27.14 28.07
N TRP A 28 3.32 27.45 28.43
CA TRP A 28 2.26 27.68 27.48
C TRP A 28 2.60 28.83 26.55
N HIS A 29 2.51 28.58 25.26
CA HIS A 29 2.66 29.65 24.29
C HIS A 29 1.69 29.41 23.15
N LYS A 30 1.58 30.40 22.26
CA LYS A 30 0.70 30.25 21.15
C LYS A 30 1.58 30.20 19.93
N ASP A 31 1.91 28.95 19.61
CA ASP A 31 2.35 28.44 18.30
C ASP A 31 3.56 28.89 17.45
N PRO A 32 4.33 27.86 17.08
CA PRO A 32 5.32 27.70 16.03
C PRO A 32 4.72 27.46 14.62
N GLU A 33 4.01 28.43 14.02
CA GLU A 33 3.29 28.15 12.74
C GLU A 33 2.69 26.72 12.78
N HIS A 34 1.61 26.53 13.55
CA HIS A 34 1.06 25.21 13.78
C HIS A 34 0.52 24.64 12.48
N PRO A 35 0.54 23.30 12.33
CA PRO A 35 0.18 22.65 11.07
C PRO A 35 -1.31 22.41 10.85
N TYR A 36 -2.14 22.62 11.87
CA TYR A 36 -3.52 22.12 11.89
C TYR A 36 -4.43 22.87 10.95
N ARG A 37 -5.17 22.12 10.15
CA ARG A 37 -6.01 22.70 9.12
C ARG A 37 -7.49 22.62 9.42
N THR A 38 -7.95 21.50 9.99
CA THR A 38 -9.38 21.25 10.25
C THR A 38 -9.67 21.17 11.75
N TRP A 39 -8.64 21.45 12.55
CA TRP A 39 -8.73 21.43 14.00
C TRP A 39 -8.41 22.80 14.60
N THR A 40 -9.19 23.22 15.59
CA THR A 40 -8.92 24.52 16.16
C THR A 40 -7.70 24.42 17.06
N TYR A 41 -6.72 25.27 16.83
CA TYR A 41 -5.52 25.25 17.66
C TYR A 41 -5.60 26.22 18.84
N HIS A 42 -5.34 25.76 20.05
CA HIS A 42 -5.39 26.61 21.23
C HIS A 42 -4.03 27.08 21.77
N GLY A 43 -3.00 26.26 21.62
CA GLY A 43 -1.69 26.58 22.20
C GLY A 43 -0.79 25.36 22.42
N SER A 44 0.39 25.60 22.98
CA SER A 44 1.37 24.54 23.16
C SER A 44 2.12 24.68 24.46
N TYR A 45 2.77 23.60 24.87
CA TYR A 45 3.66 23.64 26.01
C TYR A 45 4.77 22.62 25.82
N GLU A 46 5.83 22.78 26.59
CA GLU A 46 6.97 21.90 26.48
C GLU A 46 6.70 20.59 27.21
N VAL A 47 7.10 19.49 26.59
CA VAL A 47 7.08 18.15 27.21
C VAL A 47 8.31 17.33 26.83
N LYS A 48 8.55 16.27 27.59
CA LYS A 48 9.53 15.24 27.24
C LYS A 48 8.93 14.36 26.14
N ALA A 49 9.64 14.28 25.00
CA ALA A 49 9.27 13.40 23.87
C ALA A 49 9.23 11.92 24.26
N THR A 50 8.24 11.19 23.72
CA THR A 50 8.15 9.72 23.86
C THR A 50 8.70 9.03 22.62
N GLY A 51 8.79 7.70 22.65
CA GLY A 51 9.29 6.95 21.50
C GLY A 51 10.04 5.70 21.90
N LEU A 56 13.46 -4.56 20.15
CA LEU A 56 12.59 -5.44 20.93
C LEU A 56 12.29 -6.79 20.20
N VAL A 57 13.24 -7.73 20.21
CA VAL A 57 13.09 -9.04 19.55
C VAL A 57 12.83 -10.24 20.51
N ASN A 58 11.92 -11.13 20.15
CA ASN A 58 11.71 -12.37 20.93
C ASN A 58 12.75 -13.47 20.62
N GLY A 59 13.73 -13.59 21.51
CA GLY A 59 14.90 -14.46 21.30
C GLY A 59 14.49 -15.88 20.99
N VAL A 60 13.47 -16.38 21.67
CA VAL A 60 13.05 -17.75 21.46
C VAL A 60 12.49 -17.94 20.08
N VAL A 61 11.57 -17.05 19.66
CA VAL A 61 10.96 -17.18 18.33
C VAL A 61 11.99 -16.94 17.19
N LYS A 62 12.81 -15.92 17.37
CA LYS A 62 13.93 -15.65 16.49
C LYS A 62 14.75 -16.90 16.25
N LEU A 63 15.22 -17.51 17.34
CA LEU A 63 16.02 -18.73 17.24
C LEU A 63 15.29 -19.89 16.57
N MET A 64 13.97 -19.85 16.63
CA MET A 64 13.17 -20.91 16.08
C MET A 64 12.77 -20.60 14.62
N SER A 65 13.26 -19.50 14.05
CA SER A 65 12.74 -19.10 12.75
C SER A 65 13.85 -18.60 11.83
N LYS A 66 14.99 -19.28 11.85
CA LYS A 66 16.16 -18.88 11.07
C LYS A 66 15.88 -18.59 9.61
N PRO A 67 15.05 -19.43 8.93
CA PRO A 67 14.86 -19.13 7.51
C PRO A 67 14.24 -17.76 7.33
N TRP A 68 13.44 -17.32 8.29
CA TRP A 68 12.67 -16.09 8.13
C TRP A 68 13.55 -14.88 8.29
N ASP A 69 14.82 -15.07 8.63
CA ASP A 69 15.83 -13.98 8.58
C ASP A 69 16.10 -13.43 7.20
N ALA A 70 15.78 -14.22 6.19
CA ALA A 70 15.94 -13.84 4.79
C ALA A 70 14.71 -13.14 4.16
N ILE A 71 13.66 -12.97 4.95
CA ILE A 71 12.35 -12.47 4.47
C ILE A 71 12.04 -11.06 5.00
N ALA A 72 12.08 -10.07 4.13
CA ALA A 72 11.84 -8.67 4.52
C ALA A 72 10.51 -8.39 5.25
N ASN A 73 9.41 -9.04 4.85
CA ASN A 73 8.15 -8.83 5.54
C ASN A 73 8.28 -9.12 7.03
N VAL A 74 9.16 -10.07 7.39
CA VAL A 74 9.34 -10.48 8.75
C VAL A 74 10.36 -9.58 9.41
N THR A 75 11.49 -9.35 8.75
CA THR A 75 12.57 -8.69 9.49
C THR A 75 12.34 -7.22 9.75
N THR A 76 11.60 -6.56 8.87
CA THR A 76 11.43 -5.13 8.92
C THR A 76 10.19 -4.72 9.69
N MET A 77 9.42 -5.70 10.16
CA MET A 77 8.13 -5.41 10.74
C MET A 77 8.25 -4.47 11.93
N ALA A 78 7.39 -3.48 11.96
CA ALA A 78 7.21 -2.67 13.16
C ALA A 78 5.70 -2.42 13.36
N MET A 79 5.29 -2.30 14.62
CA MET A 79 3.92 -2.08 14.96
C MET A 79 3.52 -0.63 15.00
N THR A 80 4.31 0.17 15.74
CA THR A 80 3.89 1.51 16.17
C THR A 80 5.05 2.49 16.12
N ASP A 81 4.71 3.78 16.05
CA ASP A 81 5.67 4.85 16.08
C ASP A 81 5.06 5.90 17.01
N THR A 82 5.61 6.00 18.21
CA THR A 82 5.05 6.89 19.22
C THR A 82 5.89 8.09 19.40
N THR A 83 6.93 8.24 18.56
CA THR A 83 7.65 9.52 18.42
C THR A 83 6.69 10.70 18.04
N PRO A 84 7.14 11.95 18.29
CA PRO A 84 6.38 13.13 17.85
C PRO A 84 6.28 13.23 16.33
N PHE A 85 7.35 12.87 15.64
CA PHE A 85 7.35 12.71 14.19
C PHE A 85 6.20 11.80 13.67
N GLY A 86 6.02 10.64 14.31
CA GLY A 86 4.98 9.68 13.92
C GLY A 86 3.59 10.14 14.32
N GLN A 87 3.52 10.78 15.48
CA GLN A 87 2.30 11.42 15.90
C GLN A 87 1.84 12.44 14.82
N GLN A 88 2.77 13.31 14.40
CA GLN A 88 2.45 14.38 13.46
C GLN A 88 2.06 13.78 12.12
N ARG A 89 2.81 12.76 11.66
CA ARG A 89 2.52 12.11 10.40
C ARG A 89 1.10 11.53 10.40
N VAL A 90 0.81 10.69 11.39
CA VAL A 90 -0.48 10.08 11.37
C VAL A 90 -1.58 11.13 11.57
N PHE A 91 -1.27 12.18 12.34
CA PHE A 91 -2.27 13.17 12.61
C PHE A 91 -2.65 13.87 11.33
N LYS A 92 -1.63 14.30 10.60
CA LYS A 92 -1.83 14.98 9.34
C LYS A 92 -2.53 14.09 8.27
N GLU A 93 -2.13 12.83 8.15
CA GLU A 93 -2.66 11.98 7.11
C GLU A 93 -4.09 11.56 7.39
N LYS A 94 -4.37 11.21 8.64
CA LYS A 94 -5.56 10.52 9.03
C LYS A 94 -6.54 11.29 9.93
N VAL A 95 -6.08 12.22 10.77
CA VAL A 95 -6.99 12.84 11.73
C VAL A 95 -7.35 14.27 11.31
N ASP A 96 -6.42 14.97 10.70
CA ASP A 96 -6.64 16.34 10.27
C ASP A 96 -7.37 16.40 8.92
N THR A 97 -8.48 15.65 8.83
CA THR A 97 -9.31 15.64 7.61
C THR A 97 -10.76 15.74 8.02
N LYS A 98 -11.62 16.03 7.06
CA LYS A 98 -13.05 16.15 7.32
C LYS A 98 -13.80 15.47 6.19
N ALA A 99 -14.58 14.45 6.54
CA ALA A 99 -15.52 13.87 5.60
C ALA A 99 -16.69 14.83 5.35
N PRO A 100 -17.03 15.02 4.07
CA PRO A 100 -18.18 15.86 3.73
C PRO A 100 -19.51 15.21 4.17
N GLU A 101 -20.43 16.03 4.66
CA GLU A 101 -21.77 15.59 4.95
C GLU A 101 -22.49 15.07 3.70
N PRO A 102 -23.25 13.97 3.86
CA PRO A 102 -24.07 13.47 2.77
C PRO A 102 -25.27 14.40 2.51
N PRO A 103 -25.80 14.40 1.29
CA PRO A 103 -26.94 15.23 0.89
C PRO A 103 -28.28 14.75 1.47
N ALA A 104 -29.32 15.56 1.34
CA ALA A 104 -30.56 15.36 2.08
C ALA A 104 -31.28 14.01 1.87
N GLY A 105 -31.41 13.57 0.61
CA GLY A 105 -32.01 12.25 0.32
C GLY A 105 -31.31 11.10 1.07
N VAL A 106 -29.99 11.04 0.95
CA VAL A 106 -29.16 10.03 1.62
C VAL A 106 -29.41 10.09 3.12
N ARG A 107 -29.41 11.31 3.69
CA ARG A 107 -29.74 11.50 5.13
C ARG A 107 -31.10 10.88 5.50
N GLU A 108 -32.06 10.97 4.58
CA GLU A 108 -33.41 10.49 4.86
C GLU A 108 -33.42 8.97 4.83
N VAL A 109 -32.65 8.39 3.88
CA VAL A 109 -32.48 6.97 3.81
C VAL A 109 -31.76 6.40 5.07
N LEU A 110 -30.69 7.05 5.51
CA LEU A 110 -29.96 6.62 6.70
C LEU A 110 -30.79 6.82 7.96
N ASN A 111 -31.62 7.89 7.97
CA ASN A 111 -32.52 8.13 9.09
C ASN A 111 -33.45 6.92 9.28
N GLU A 112 -34.19 6.55 8.19
CA GLU A 112 -35.09 5.39 8.22
C GLU A 112 -34.35 4.10 8.60
N THR A 113 -33.18 3.91 8.00
CA THR A 113 -32.45 2.68 8.06
C THR A 113 -31.99 2.50 9.50
N THR A 114 -31.47 3.56 10.10
CA THR A 114 -30.99 3.47 11.47
C THR A 114 -32.12 3.38 12.51
N ASN A 115 -33.28 3.99 12.21
CA ASN A 115 -34.46 3.78 13.06
C ASN A 115 -34.84 2.32 13.10
N TRP A 116 -34.79 1.68 11.94
CA TRP A 116 -35.07 0.26 11.89
C TRP A 116 -34.03 -0.55 12.68
N LEU A 117 -32.74 -0.24 12.51
CA LEU A 117 -31.70 -1.08 13.08
C LEU A 117 -31.77 -0.93 14.60
N TRP A 118 -31.91 0.30 15.10
CA TRP A 118 -32.07 0.53 16.56
C TRP A 118 -33.31 -0.21 17.11
N ALA A 119 -34.42 -0.17 16.40
CA ALA A 119 -35.60 -0.90 16.86
C ALA A 119 -35.29 -2.38 16.90
N HIS A 120 -34.57 -2.88 15.91
CA HIS A 120 -34.22 -4.30 15.86
C HIS A 120 -33.22 -4.69 17.00
N LEU A 121 -32.19 -3.88 17.23
CA LEU A 121 -31.20 -4.25 18.25
C LEU A 121 -31.78 -4.15 19.65
N SER A 122 -32.81 -3.34 19.82
CA SER A 122 -33.36 -3.14 21.13
C SER A 122 -34.63 -3.97 21.34
N ARG A 123 -34.80 -5.05 20.58
CA ARG A 123 -36.11 -5.70 20.60
C ARG A 123 -36.33 -6.54 21.87
N GLU A 124 -35.24 -7.10 22.42
CA GLU A 124 -35.26 -7.92 23.61
C GLU A 124 -34.29 -7.32 24.66
N LYS A 125 -33.05 -6.99 24.25
CA LYS A 125 -32.09 -6.36 25.18
C LYS A 125 -32.60 -4.99 25.66
N ARG A 126 -32.43 -4.74 26.95
CA ARG A 126 -32.72 -3.45 27.57
C ARG A 126 -31.41 -2.83 28.07
N PRO A 127 -31.20 -1.52 27.79
CA PRO A 127 -30.02 -0.80 28.20
C PRO A 127 -29.97 -0.63 29.72
N ARG A 128 -28.76 -0.57 30.27
CA ARG A 128 -28.53 -0.53 31.70
C ARG A 128 -27.13 0.03 31.91
N LEU A 129 -26.88 0.54 33.12
CA LEU A 129 -25.58 1.12 33.43
C LEU A 129 -24.63 -0.03 33.65
N CYS A 130 -23.36 0.21 33.33
CA CYS A 130 -22.35 -0.72 33.78
C CYS A 130 -21.77 -0.11 35.02
N THR A 131 -21.06 -0.92 35.78
CA THR A 131 -20.74 -0.55 37.12
C THR A 131 -19.27 -0.52 37.42
N LYS A 132 -18.99 0.08 38.57
CA LYS A 132 -17.64 0.21 39.09
C LYS A 132 -17.01 -1.18 39.14
N GLU A 133 -17.75 -2.12 39.73
CA GLU A 133 -17.25 -3.48 39.99
C GLU A 133 -17.04 -4.24 38.71
N GLU A 134 -17.94 -4.03 37.73
CA GLU A 134 -17.77 -4.54 36.38
C GLU A 134 -16.48 -4.02 35.71
N PHE A 135 -16.29 -2.71 35.76
CA PHE A 135 -15.04 -2.10 35.25
C PHE A 135 -13.80 -2.71 35.93
N ILE A 136 -13.80 -2.76 37.27
CA ILE A 136 -12.63 -3.29 37.97
C ILE A 136 -12.33 -4.70 37.52
N LYS A 137 -13.39 -5.50 37.35
CA LYS A 137 -13.23 -6.86 36.92
C LYS A 137 -12.67 -6.90 35.52
N LYS A 138 -13.17 -6.01 34.67
CA LYS A 138 -12.64 -5.88 33.30
C LYS A 138 -11.16 -5.52 33.34
N VAL A 139 -10.80 -4.46 34.08
CA VAL A 139 -9.39 -4.05 34.26
C VAL A 139 -8.45 -5.17 34.77
N ASN A 140 -8.90 -5.93 35.77
CA ASN A 140 -8.05 -6.99 36.31
C ASN A 140 -7.99 -8.27 35.50
N SER A 141 -7.83 -8.15 34.17
CA SER A 141 -7.85 -9.32 33.31
C SER A 141 -7.21 -9.10 31.95
N ASN A 142 -7.62 -9.96 30.99
CA ASN A 142 -7.27 -9.84 29.56
C ASN A 142 -7.78 -8.52 28.93
N ALA A 143 -8.12 -7.57 29.82
CA ALA A 143 -7.99 -6.12 29.62
C ALA A 143 -9.23 -5.37 29.15
N ALA A 144 -9.16 -4.03 29.31
CA ALA A 144 -10.05 -3.10 28.60
C ALA A 144 -9.65 -3.14 27.12
N LEU A 145 -9.48 -4.36 26.61
CA LEU A 145 -8.72 -4.67 25.38
C LEU A 145 -8.90 -3.75 24.17
N GLY A 146 -8.00 -2.77 24.07
CA GLY A 146 -7.94 -1.91 22.86
C GLY A 146 -8.44 -0.49 23.08
N ALA A 147 -9.46 -0.32 23.94
CA ALA A 147 -9.85 1.00 24.44
C ALA A 147 -8.63 1.37 25.27
N VAL A 148 -7.62 1.83 24.55
CA VAL A 148 -6.28 2.00 25.10
C VAL A 148 -6.24 3.06 26.22
N PHE A 149 -5.52 2.66 27.25
CA PHE A 149 -6.00 2.78 28.61
C PHE A 149 -5.71 4.12 29.25
N ALA A 150 -4.47 4.56 29.04
CA ALA A 150 -3.66 4.97 30.14
C ALA A 150 -2.98 6.34 30.14
N GLU A 151 -3.74 7.31 30.60
CA GLU A 151 -3.23 8.04 31.70
C GLU A 151 -3.98 7.29 32.82
N GLN A 152 -3.19 6.67 33.70
CA GLN A 152 -3.54 6.53 35.10
C GLN A 152 -2.23 6.97 35.82
N ASN A 153 -1.86 8.23 35.55
CA ASN A 153 -0.55 8.75 35.96
C ASN A 153 -0.52 9.19 37.40
N GLN A 154 -0.10 8.24 38.24
CA GLN A 154 0.40 8.44 39.62
C GLN A 154 0.31 7.10 40.33
N TRP A 155 -0.55 6.23 39.81
CA TRP A 155 -0.61 4.85 40.24
C TRP A 155 0.32 3.98 39.36
N SER A 156 0.46 4.36 38.08
CA SER A 156 1.29 3.63 37.09
C SER A 156 0.59 2.48 36.34
N THR A 157 -0.20 1.68 37.07
CA THR A 157 -1.02 0.61 36.48
C THR A 157 -2.47 0.87 36.80
N ALA A 158 -3.34 0.21 36.06
CA ALA A 158 -4.77 0.45 36.14
C ALA A 158 -5.34 -0.24 37.37
N ARG A 159 -4.85 -1.44 37.62
CA ARG A 159 -5.17 -2.21 38.85
C ARG A 159 -5.04 -1.43 40.18
N GLU A 160 -3.93 -0.72 40.40
CA GLU A 160 -3.86 -0.04 41.70
C GLU A 160 -4.67 1.25 41.68
N ALA A 161 -4.77 1.86 40.51
CA ALA A 161 -5.69 2.98 40.32
C ALA A 161 -7.15 2.62 40.75
N VAL A 162 -7.71 1.56 40.19
CA VAL A 162 -9.09 1.17 40.58
C VAL A 162 -9.20 0.69 42.02
N ASN A 163 -8.05 0.33 42.61
CA ASN A 163 -8.00 -0.14 44.01
C ASN A 163 -7.99 0.99 45.05
N ASP A 164 -7.69 2.20 44.59
CA ASP A 164 -7.61 3.39 45.41
C ASP A 164 -8.93 4.19 45.40
N PRO A 165 -9.48 4.46 46.59
CA PRO A 165 -10.70 5.25 46.73
C PRO A 165 -10.57 6.67 46.20
N ARG A 166 -9.36 7.19 46.18
CA ARG A 166 -9.05 8.51 45.63
C ARG A 166 -9.36 8.58 44.12
N PHE A 167 -8.92 7.59 43.36
CA PHE A 167 -9.36 7.44 41.94
C PHE A 167 -10.88 7.58 41.79
N TRP A 168 -11.63 6.82 42.57
CA TRP A 168 -13.10 6.84 42.50
C TRP A 168 -13.72 8.17 42.94
N GLU A 169 -12.99 8.92 43.75
CA GLU A 169 -13.48 10.23 44.16
C GLU A 169 -13.32 11.18 43.00
N MET A 170 -12.24 11.01 42.23
CA MET A 170 -12.01 11.80 41.03
C MET A 170 -13.08 11.49 39.99
N VAL A 171 -13.26 10.22 39.73
CA VAL A 171 -14.36 9.77 38.88
C VAL A 171 -15.69 10.41 39.27
N ASP A 172 -16.06 10.30 40.55
CA ASP A 172 -17.36 10.82 41.01
C ASP A 172 -17.51 12.31 40.79
N GLU A 173 -16.44 13.04 41.04
CA GLU A 173 -16.42 14.49 40.77
C GLU A 173 -16.73 14.80 39.30
N GLU A 174 -16.07 14.08 38.40
CA GLU A 174 -16.28 14.33 36.97
C GLU A 174 -17.68 13.87 36.56
N ARG A 175 -18.16 12.80 37.20
CA ARG A 175 -19.51 12.31 37.03
C ARG A 175 -20.51 13.41 37.42
N GLU A 176 -20.29 14.01 38.58
CA GLU A 176 -21.05 15.18 38.95
C GLU A 176 -20.98 16.32 37.91
N ASN A 177 -19.80 16.64 37.40
CA ASN A 177 -19.76 17.63 36.31
C ASN A 177 -20.58 17.23 35.07
N HIS A 178 -20.49 15.96 34.68
CA HIS A 178 -21.28 15.46 33.57
C HIS A 178 -22.76 15.67 33.86
N LEU A 179 -23.17 15.27 35.06
CA LEU A 179 -24.58 15.37 35.46
C LEU A 179 -25.01 16.81 35.44
N ARG A 180 -24.04 17.71 35.60
CA ARG A 180 -24.32 19.14 35.52
C ARG A 180 -24.22 19.73 34.12
N GLY A 181 -23.96 18.90 33.10
CA GLY A 181 -23.86 19.36 31.71
C GLY A 181 -22.45 19.80 31.30
N GLU A 182 -21.42 19.52 32.11
CA GLU A 182 -20.05 20.01 31.88
C GLU A 182 -19.00 18.89 31.93
N CYS A 183 -17.92 19.08 31.19
CA CYS A 183 -16.83 18.11 31.20
C CYS A 183 -15.52 18.83 31.41
N HIS A 184 -14.74 18.30 32.33
CA HIS A 184 -13.57 19.01 32.81
C HIS A 184 -12.28 18.29 32.49
N THR A 185 -12.33 16.97 32.51
CA THR A 185 -11.12 16.17 32.43
C THR A 185 -11.06 15.19 31.24
N CYS A 186 -12.15 15.07 30.48
CA CYS A 186 -12.25 13.97 29.54
C CYS A 186 -11.65 14.33 28.22
N ILE A 187 -10.34 14.12 28.09
CA ILE A 187 -9.53 14.67 27.02
C ILE A 187 -8.74 13.58 26.25
N TYR A 188 -8.68 13.67 24.93
CA TYR A 188 -7.98 12.70 24.11
C TYR A 188 -6.47 12.96 23.97
N ASN A 189 -5.68 11.88 24.05
CA ASN A 189 -4.26 11.97 23.73
C ASN A 189 -3.93 11.04 22.60
N MET A 190 -3.33 11.61 21.57
CA MET A 190 -2.97 10.87 20.39
C MET A 190 -1.59 10.44 20.70
N MET A 191 -1.49 9.20 21.19
CA MET A 191 -0.25 8.62 21.68
C MET A 191 0.77 8.30 20.58
N GLY A 192 0.28 7.92 19.40
CA GLY A 192 1.11 7.55 18.29
C GLY A 192 0.43 6.97 17.04
N LYS A 193 1.23 6.29 16.24
CA LYS A 193 0.83 5.74 14.95
C LYS A 193 0.88 4.20 14.93
N ARG A 194 -0.23 3.55 14.61
CA ARG A 194 -0.21 2.12 14.27
C ARG A 194 0.18 2.03 12.80
N GLU A 195 1.30 1.33 12.50
CA GLU A 195 1.83 1.27 11.11
C GLU A 195 0.87 0.53 10.18
N LYS A 196 0.98 0.74 8.89
CA LYS A 196 0.28 -0.07 7.87
C LYS A 196 0.47 -1.56 8.15
N LYS A 197 -0.63 -2.30 8.06
CA LYS A 197 -0.60 -3.74 8.16
C LYS A 197 -0.61 -4.34 6.74
N PRO A 198 -0.06 -5.58 6.56
CA PRO A 198 -0.06 -6.24 5.25
C PRO A 198 -1.45 -6.67 4.80
N GLY A 199 -1.63 -6.81 3.48
CA GLY A 199 -2.89 -7.30 2.97
C GLY A 199 -2.85 -7.26 1.46
N GLU A 200 -3.84 -7.90 0.84
CA GLU A 200 -3.97 -7.79 -0.60
C GLU A 200 -4.81 -6.55 -0.90
N PHE A 201 -4.74 -6.10 -2.15
CA PHE A 201 -5.31 -4.80 -2.56
C PHE A 201 -6.79 -4.78 -2.19
N GLY A 202 -7.21 -3.73 -1.48
CA GLY A 202 -8.60 -3.61 -1.02
C GLY A 202 -8.79 -4.07 0.40
N LYS A 203 -7.75 -4.67 0.97
CA LYS A 203 -7.83 -5.27 2.32
C LYS A 203 -6.76 -4.77 3.33
N ALA A 204 -5.59 -4.41 2.84
CA ALA A 204 -4.53 -3.87 3.70
C ALA A 204 -5.08 -2.71 4.54
N LYS A 205 -4.80 -2.69 5.83
CA LYS A 205 -5.22 -1.53 6.64
C LYS A 205 -4.13 -0.47 6.55
N GLY A 206 -4.51 0.77 6.36
CA GLY A 206 -3.59 1.89 6.44
C GLY A 206 -3.19 2.18 7.87
N SER A 207 -2.35 3.19 8.07
CA SER A 207 -1.88 3.49 9.42
C SER A 207 -3.08 4.01 10.15
N ARG A 208 -3.06 3.92 11.47
CA ARG A 208 -4.16 4.44 12.27
C ARG A 208 -3.65 5.14 13.53
N ALA A 209 -4.44 6.06 14.05
CA ALA A 209 -4.08 6.79 15.26
C ALA A 209 -4.31 5.93 16.52
N ILE A 210 -3.46 6.09 17.52
CA ILE A 210 -3.65 5.41 18.78
C ILE A 210 -4.02 6.48 19.81
N TRP A 211 -5.20 6.32 20.37
CA TRP A 211 -5.80 7.25 21.31
C TRP A 211 -5.76 6.71 22.75
N PHE A 212 -5.45 7.58 23.71
CA PHE A 212 -5.55 7.28 25.12
C PHE A 212 -6.44 8.37 25.73
N MET A 213 -7.11 8.05 26.83
CA MET A 213 -7.72 9.04 27.70
C MET A 213 -7.38 8.62 29.14
N TRP A 214 -7.54 9.52 30.09
CA TRP A 214 -7.50 9.13 31.47
C TRP A 214 -8.45 7.94 31.73
N LEU A 215 -8.01 7.00 32.56
CA LEU A 215 -8.83 5.87 33.01
C LEU A 215 -10.20 6.27 33.50
N GLY A 216 -10.29 7.48 34.09
CA GLY A 216 -11.54 7.94 34.65
C GLY A 216 -12.53 8.23 33.55
N ALA A 217 -12.00 8.73 32.45
CA ALA A 217 -12.85 9.04 31.31
C ALA A 217 -13.40 7.73 30.74
N ARG A 218 -12.55 6.71 30.75
CA ARG A 218 -12.93 5.40 30.23
C ARG A 218 -13.98 4.80 31.10
N TYR A 219 -13.83 4.96 32.42
CA TYR A 219 -14.86 4.46 33.30
C TYR A 219 -16.18 5.11 32.95
N LEU A 220 -16.18 6.43 32.86
CA LEU A 220 -17.46 7.15 32.67
C LEU A 220 -18.16 6.71 31.37
N GLU A 221 -17.36 6.49 30.32
CA GLU A 221 -17.89 6.08 29.00
C GLU A 221 -18.51 4.72 29.12
N PHE A 222 -17.75 3.84 29.75
CA PHE A 222 -18.11 2.46 30.02
C PHE A 222 -19.38 2.38 30.81
N GLU A 223 -19.49 3.21 31.86
CA GLU A 223 -20.69 3.22 32.65
C GLU A 223 -21.92 3.60 31.82
N ALA A 224 -21.81 4.66 31.00
CA ALA A 224 -22.99 5.17 30.31
C ALA A 224 -23.41 4.34 29.04
N LEU A 225 -22.45 3.75 28.35
CA LEU A 225 -22.69 3.14 27.04
C LEU A 225 -22.07 1.79 26.90
N GLY A 226 -21.35 1.34 27.91
CA GLY A 226 -20.67 0.07 27.84
C GLY A 226 -21.62 -1.13 27.75
N PHE A 227 -22.90 -0.93 28.08
CA PHE A 227 -23.84 -2.03 27.95
C PHE A 227 -23.86 -2.59 26.52
N LEU A 228 -23.56 -1.73 25.52
CA LEU A 228 -23.52 -2.17 24.10
C LEU A 228 -22.55 -3.33 23.91
N ASN A 229 -21.44 -3.31 24.64
CA ASN A 229 -20.44 -4.36 24.56
C ASN A 229 -20.77 -5.48 25.57
N GLU A 230 -20.89 -5.10 26.83
CA GLU A 230 -21.06 -6.06 27.92
C GLU A 230 -22.32 -6.94 27.75
N ASP A 231 -23.39 -6.38 27.16
CA ASP A 231 -24.60 -7.20 26.87
C ASP A 231 -24.71 -7.64 25.42
N HIS A 232 -23.56 -7.56 24.74
CA HIS A 232 -23.44 -8.17 23.42
C HIS A 232 -24.55 -7.70 22.47
N TRP A 233 -24.74 -6.39 22.41
CA TRP A 233 -25.66 -5.86 21.41
C TRP A 233 -25.36 -6.16 19.94
N LEU A 234 -24.10 -6.44 19.59
CA LEU A 234 -23.75 -6.72 18.20
C LEU A 234 -23.42 -8.16 17.95
N SER A 235 -23.76 -9.05 18.90
CA SER A 235 -23.69 -10.49 18.64
C SER A 235 -24.55 -10.82 17.43
N ARG A 236 -24.25 -11.94 16.76
CA ARG A 236 -25.04 -12.36 15.60
C ARG A 236 -26.48 -12.55 16.02
N GLU A 237 -26.68 -13.17 17.19
CA GLU A 237 -28.04 -13.55 17.62
C GLU A 237 -28.86 -12.29 17.76
N ASN A 238 -28.27 -11.23 18.31
CA ASN A 238 -29.03 -9.97 18.46
C ASN A 238 -29.10 -9.07 17.21
N SER A 239 -28.03 -9.02 16.41
CA SER A 239 -27.96 -8.01 15.34
C SER A 239 -28.17 -8.62 13.96
N GLY A 240 -28.04 -9.95 13.90
CA GLY A 240 -28.19 -10.67 12.64
C GLY A 240 -26.94 -10.69 11.77
N GLY A 241 -26.42 -9.52 11.43
CA GLY A 241 -25.22 -9.42 10.61
C GLY A 241 -23.94 -9.31 11.39
N GLY A 242 -24.04 -9.06 12.70
CA GLY A 242 -22.83 -8.88 13.50
C GLY A 242 -22.22 -10.23 13.89
N VAL A 243 -21.04 -10.20 14.48
CA VAL A 243 -20.41 -11.46 14.89
C VAL A 243 -19.72 -11.24 16.21
N GLU A 244 -20.19 -10.27 17.00
CA GLU A 244 -19.45 -9.90 18.23
C GLU A 244 -19.61 -11.08 19.20
N GLY A 245 -18.50 -11.51 19.80
CA GLY A 245 -18.56 -12.63 20.78
C GLY A 245 -17.96 -13.87 20.14
N SER A 246 -17.92 -13.94 18.80
CA SER A 246 -17.38 -15.14 18.14
C SER A 246 -15.85 -15.14 18.02
N GLY A 247 -15.24 -16.29 18.27
CA GLY A 247 -13.82 -16.51 18.03
C GLY A 247 -13.59 -16.53 16.53
N VAL A 248 -12.37 -16.29 16.07
CA VAL A 248 -12.07 -16.27 14.67
C VAL A 248 -12.33 -17.66 14.08
N GLN A 249 -12.30 -18.67 14.94
CA GLN A 249 -12.52 -20.03 14.52
C GLN A 249 -14.00 -20.28 14.17
N LYS A 250 -14.93 -19.41 14.62
CA LYS A 250 -16.35 -19.48 14.18
C LYS A 250 -16.61 -18.80 12.83
N LEU A 251 -15.73 -17.87 12.43
CA LEU A 251 -16.05 -16.96 11.30
C LEU A 251 -16.10 -17.64 9.92
N GLY A 252 -15.16 -18.54 9.63
CA GLY A 252 -15.29 -19.38 8.41
C GLY A 252 -16.67 -20.03 8.30
N TYR A 253 -17.13 -20.64 9.41
CA TYR A 253 -18.41 -21.33 9.40
C TYR A 253 -19.52 -20.38 9.14
N ILE A 254 -19.44 -19.18 9.70
CA ILE A 254 -20.47 -18.21 9.47
C ILE A 254 -20.46 -17.77 8.00
N LEU A 255 -19.31 -17.49 7.42
CA LEU A 255 -19.27 -17.16 5.98
C LEU A 255 -19.87 -18.30 5.11
N ARG A 256 -19.63 -19.54 5.54
CA ARG A 256 -20.04 -20.68 4.75
C ARG A 256 -21.53 -20.85 4.80
N ASP A 257 -22.12 -20.52 5.92
CA ASP A 257 -23.58 -20.45 6.03
C ASP A 257 -24.15 -19.33 5.13
N ILE A 258 -23.56 -18.13 5.21
CA ILE A 258 -24.00 -17.06 4.29
C ILE A 258 -23.92 -17.50 2.83
N ALA A 259 -22.81 -18.13 2.45
CA ALA A 259 -22.63 -18.71 1.14
C ALA A 259 -23.72 -19.72 0.77
N GLY A 260 -24.24 -20.42 1.78
CA GLY A 260 -25.31 -21.42 1.58
C GLY A 260 -26.63 -20.82 1.10
N LYS A 261 -26.88 -19.54 1.33
CA LYS A 261 -28.11 -18.91 0.83
C LYS A 261 -28.06 -18.73 -0.68
N GLN A 262 -29.22 -18.56 -1.26
CA GLN A 262 -29.37 -18.21 -2.68
C GLN A 262 -29.02 -16.74 -2.84
N GLY A 263 -28.18 -16.39 -3.81
CA GLY A 263 -27.95 -14.99 -4.14
C GLY A 263 -26.87 -14.81 -5.17
N GLY A 264 -26.32 -13.60 -5.27
CA GLY A 264 -25.23 -13.34 -6.19
C GLY A 264 -23.91 -13.80 -5.58
N LYS A 265 -22.82 -13.22 -6.07
CA LYS A 265 -21.49 -13.42 -5.47
C LYS A 265 -21.41 -12.85 -4.06
N MET A 266 -20.33 -13.20 -3.39
CA MET A 266 -20.02 -12.62 -2.10
C MET A 266 -19.08 -11.45 -2.25
N TYR A 267 -19.43 -10.34 -1.60
CA TYR A 267 -18.61 -9.12 -1.67
C TYR A 267 -18.00 -8.81 -0.32
N ALA A 268 -16.83 -8.21 -0.33
CA ALA A 268 -16.14 -7.84 0.93
C ALA A 268 -15.35 -6.57 0.72
N ASP A 269 -16.03 -5.46 0.38
CA ASP A 269 -15.33 -4.19 0.12
C ASP A 269 -14.96 -3.52 1.44
N ASP A 270 -13.70 -3.16 1.60
CA ASP A 270 -13.27 -2.26 2.68
C ASP A 270 -13.51 -0.80 2.30
N THR A 271 -13.87 -0.02 3.30
CA THR A 271 -13.84 1.42 3.18
C THR A 271 -12.37 1.83 3.32
N ALA A 272 -11.96 2.77 2.48
CA ALA A 272 -10.61 3.37 2.64
C ALA A 272 -10.54 4.24 3.94
N GLY A 273 -10.02 3.67 5.02
CA GLY A 273 -9.89 4.37 6.31
C GLY A 273 -11.24 4.77 6.92
N TRP A 274 -11.95 3.80 7.47
CA TRP A 274 -13.32 3.97 7.90
C TRP A 274 -13.40 5.08 8.97
N ASP A 275 -12.42 5.17 9.85
CA ASP A 275 -12.57 6.08 10.96
C ASP A 275 -12.35 7.54 10.53
N THR A 276 -11.86 7.77 9.31
CA THR A 276 -11.76 9.11 8.79
C THR A 276 -13.02 9.44 7.98
N ARG A 277 -13.94 8.48 7.90
CA ARG A 277 -15.07 8.61 6.97
C ARG A 277 -16.44 8.60 7.58
N ILE A 278 -16.52 8.44 8.89
CA ILE A 278 -17.82 8.63 9.53
C ILE A 278 -18.16 10.11 9.66
N THR A 279 -19.39 10.46 9.29
CA THR A 279 -19.81 11.85 9.14
C THR A 279 -20.60 12.26 10.40
N ARG A 280 -20.91 13.54 10.51
CA ARG A 280 -21.84 14.02 11.55
C ARG A 280 -23.17 13.27 11.44
N THR A 281 -23.58 12.97 10.22
CA THR A 281 -24.81 12.23 10.02
C THR A 281 -24.77 10.86 10.73
N ASP A 282 -23.70 10.09 10.51
CA ASP A 282 -23.56 8.81 11.16
C ASP A 282 -23.58 8.99 12.67
N LEU A 283 -22.94 10.05 13.19
CA LEU A 283 -22.99 10.27 14.62
C LEU A 283 -24.41 10.55 15.10
N GLU A 284 -25.13 11.34 14.36
CA GLU A 284 -26.50 11.64 14.80
C GLU A 284 -27.33 10.40 14.86
N ASN A 285 -27.15 9.52 13.88
CA ASN A 285 -27.90 8.29 13.90
C ASN A 285 -27.50 7.34 15.03
N GLU A 286 -26.20 7.22 15.27
CA GLU A 286 -25.69 6.52 16.46
C GLU A 286 -26.26 7.12 17.74
N ALA A 287 -26.37 8.44 17.79
CA ALA A 287 -26.81 9.12 19.04
C ALA A 287 -28.28 8.87 19.39
N LYS A 288 -29.02 8.25 18.47
CA LYS A 288 -30.40 7.83 18.72
C LYS A 288 -30.48 6.83 19.87
N VAL A 289 -29.36 6.19 20.15
CA VAL A 289 -29.23 5.37 21.35
C VAL A 289 -29.76 6.08 22.63
N LEU A 290 -29.70 7.41 22.64
CA LEU A 290 -30.13 8.16 23.81
C LEU A 290 -31.61 7.90 24.15
N GLU A 291 -32.42 7.65 23.12
CA GLU A 291 -33.84 7.38 23.35
C GLU A 291 -34.19 5.94 23.75
N LEU A 292 -33.21 5.06 23.82
CA LEU A 292 -33.40 3.81 24.49
C LEU A 292 -33.28 4.02 26.00
N LEU A 293 -32.87 5.23 26.41
CA LEU A 293 -32.43 5.46 27.79
C LEU A 293 -33.36 6.37 28.61
N ASP A 294 -33.37 6.17 29.92
CA ASP A 294 -34.16 6.98 30.83
C ASP A 294 -33.33 7.58 31.96
N GLY A 295 -33.85 8.68 32.50
CA GLY A 295 -33.41 9.24 33.77
C GLY A 295 -31.92 9.52 33.84
N GLU A 296 -31.29 8.99 34.88
CA GLU A 296 -29.89 9.33 35.12
C GLU A 296 -29.00 8.80 33.98
N HIS A 297 -29.29 7.54 33.60
CA HIS A 297 -28.56 6.81 32.57
C HIS A 297 -28.42 7.68 31.32
N ARG A 298 -29.54 8.24 30.90
CA ARG A 298 -29.61 9.08 29.74
C ARG A 298 -28.80 10.33 29.92
N MET A 299 -28.84 10.89 31.14
CA MET A 299 -28.09 12.13 31.43
C MET A 299 -26.62 11.88 31.27
N LEU A 300 -26.18 10.74 31.77
CA LEU A 300 -24.78 10.39 31.73
C LEU A 300 -24.33 10.10 30.30
N ALA A 301 -25.13 9.32 29.57
CA ALA A 301 -24.82 9.02 28.16
C ALA A 301 -24.86 10.28 27.31
N ARG A 302 -25.81 11.14 27.59
CA ARG A 302 -25.89 12.36 26.82
C ARG A 302 -24.61 13.15 27.05
N ALA A 303 -24.12 13.20 28.28
CA ALA A 303 -22.91 13.93 28.52
C ALA A 303 -21.73 13.31 27.73
N ILE A 304 -21.57 11.99 27.80
CA ILE A 304 -20.51 11.32 27.01
C ILE A 304 -20.60 11.70 25.54
N ILE A 305 -21.79 11.62 24.94
CA ILE A 305 -21.96 11.81 23.47
C ILE A 305 -21.70 13.25 23.07
N GLU A 306 -22.37 14.14 23.79
CA GLU A 306 -22.33 15.57 23.50
C GLU A 306 -21.00 16.21 23.85
N LEU A 307 -20.37 15.77 24.94
CA LEU A 307 -19.15 16.44 25.41
C LEU A 307 -17.84 15.76 25.10
N THR A 308 -17.83 14.44 24.89
CA THR A 308 -16.57 13.77 24.59
C THR A 308 -16.60 13.17 23.19
N TYR A 309 -17.77 12.88 22.67
CA TYR A 309 -17.81 12.34 21.31
C TYR A 309 -17.90 13.45 20.26
N ARG A 310 -18.61 14.53 20.57
CA ARG A 310 -18.86 15.60 19.61
C ARG A 310 -17.89 16.75 19.82
N HIS A 311 -17.95 17.39 20.96
CA HIS A 311 -17.01 18.47 21.24
C HIS A 311 -15.68 18.02 21.86
N LYS A 312 -14.76 17.52 21.04
CA LYS A 312 -13.50 16.93 21.54
C LYS A 312 -12.40 17.93 21.84
N VAL A 313 -11.58 17.61 22.85
CA VAL A 313 -10.30 18.24 23.06
C VAL A 313 -9.19 17.20 22.98
N VAL A 314 -8.09 17.56 22.28
CA VAL A 314 -7.04 16.58 21.92
C VAL A 314 -5.64 17.12 22.15
N LYS A 315 -4.80 16.33 22.82
CA LYS A 315 -3.37 16.61 22.96
C LYS A 315 -2.55 15.74 21.98
N VAL A 316 -1.63 16.34 21.23
CA VAL A 316 -0.74 15.57 20.37
C VAL A 316 0.66 16.25 20.35
N MET A 317 1.73 15.45 20.28
CA MET A 317 3.09 15.99 20.25
C MET A 317 3.55 16.47 18.91
N ARG A 318 4.44 17.44 18.92
CA ARG A 318 5.05 17.98 17.72
C ARG A 318 6.53 18.32 17.96
N PRO A 319 7.41 18.02 16.99
CA PRO A 319 8.82 18.41 17.06
C PRO A 319 8.95 19.92 16.93
N ALA A 320 9.76 20.51 17.78
CA ALA A 320 10.02 21.96 17.71
C ALA A 320 11.53 22.25 17.66
N ALA A 321 11.89 23.49 17.99
CA ALA A 321 13.22 24.06 17.73
C ALA A 321 14.46 23.15 17.94
N GLU A 322 14.85 22.91 19.19
CA GLU A 322 16.23 22.42 19.45
C GLU A 322 16.33 20.92 19.84
N GLY A 323 15.75 20.05 19.04
CA GLY A 323 15.51 18.67 19.48
C GLY A 323 14.55 18.77 20.66
N LYS A 324 13.65 19.75 20.56
CA LYS A 324 12.65 20.03 21.58
C LYS A 324 11.28 19.49 21.14
N THR A 325 10.43 19.17 22.11
CA THR A 325 9.10 18.68 21.84
C THR A 325 8.02 19.51 22.54
N VAL A 326 6.98 19.86 21.79
CA VAL A 326 5.83 20.49 22.39
C VAL A 326 4.63 19.58 22.36
N MET A 327 3.72 19.79 23.28
CA MET A 327 2.40 19.22 23.18
C MET A 327 1.41 20.30 22.71
N ASP A 328 0.72 20.03 21.60
CA ASP A 328 -0.32 20.93 21.10
C ASP A 328 -1.67 20.60 21.71
N VAL A 329 -2.51 21.63 21.89
CA VAL A 329 -3.85 21.43 22.39
C VAL A 329 -4.82 21.94 21.36
N ILE A 330 -5.74 21.07 20.93
CA ILE A 330 -6.59 21.39 19.80
C ILE A 330 -7.98 20.91 20.07
N SER A 331 -8.95 21.42 19.35
CA SER A 331 -10.33 21.00 19.59
C SER A 331 -11.10 21.01 18.27
N ARG A 332 -12.28 20.41 18.25
CA ARG A 332 -13.10 20.35 17.06
C ARG A 332 -14.49 19.73 17.36
N GLU A 333 -15.53 20.27 16.71
CA GLU A 333 -16.81 19.61 16.69
C GLU A 333 -16.67 18.42 15.73
N ASP A 334 -16.55 17.20 16.26
CA ASP A 334 -15.92 16.09 15.53
C ASP A 334 -16.82 14.84 15.40
N GLN A 335 -16.18 13.63 15.31
CA GLN A 335 -16.76 12.24 15.38
C GLN A 335 -15.71 11.06 15.50
N ARG A 336 -15.67 10.36 16.63
CA ARG A 336 -14.89 9.09 16.73
C ARG A 336 -13.34 9.04 16.76
N GLY A 337 -12.80 8.34 15.75
CA GLY A 337 -11.37 8.00 15.55
C GLY A 337 -11.00 6.59 16.09
N SER A 338 -11.97 6.04 16.80
CA SER A 338 -11.68 4.99 17.79
C SER A 338 -11.10 5.74 18.90
N GLY A 339 -10.37 5.02 19.74
CA GLY A 339 -10.02 5.57 21.03
C GLY A 339 -11.25 5.66 21.94
N GLN A 340 -12.44 5.25 21.46
CA GLN A 340 -13.61 5.14 22.36
C GLN A 340 -14.00 3.73 22.83
N VAL A 341 -14.61 3.64 24.03
CA VAL A 341 -15.03 2.36 24.55
C VAL A 341 -16.04 1.67 23.61
N VAL A 342 -16.90 2.45 22.97
CA VAL A 342 -17.84 1.85 22.03
C VAL A 342 -17.54 2.06 20.55
N THR A 343 -16.28 2.28 20.22
CA THR A 343 -15.91 2.49 18.79
C THR A 343 -16.22 1.25 17.92
N TYR A 344 -15.88 0.06 18.41
CA TYR A 344 -16.13 -1.18 17.63
C TYR A 344 -17.67 -1.45 17.47
N ALA A 345 -18.42 -1.19 18.52
CA ALA A 345 -19.88 -1.42 18.49
C ALA A 345 -20.57 -0.44 17.52
N LEU A 346 -20.23 0.83 17.65
CA LEU A 346 -20.85 1.79 16.78
C LEU A 346 -20.37 1.68 15.34
N ASN A 347 -19.07 1.41 15.12
CA ASN A 347 -18.65 1.07 13.73
C ASN A 347 -19.47 -0.07 13.17
N THR A 348 -19.74 -1.12 13.97
CA THR A 348 -20.50 -2.25 13.46
C THR A 348 -21.91 -1.81 13.12
N PHE A 349 -22.55 -1.04 14.03
CA PHE A 349 -23.91 -0.49 13.78
C PHE A 349 -24.00 0.29 12.48
N THR A 350 -23.08 1.23 12.31
CA THR A 350 -23.15 2.13 11.17
C THR A 350 -22.87 1.38 9.89
N ASN A 351 -22.00 0.37 9.97
CA ASN A 351 -21.58 -0.39 8.79
C ASN A 351 -22.70 -1.34 8.37
N ILE A 352 -23.41 -1.94 9.34
CA ILE A 352 -24.67 -2.61 8.99
C ILE A 352 -25.64 -1.68 8.26
N ALA A 353 -25.86 -0.50 8.80
CA ALA A 353 -26.76 0.44 8.15
C ALA A 353 -26.26 0.76 6.76
N VAL A 354 -24.95 0.93 6.60
CA VAL A 354 -24.38 1.24 5.31
C VAL A 354 -24.70 0.10 4.32
N GLN A 355 -24.59 -1.18 4.77
CA GLN A 355 -24.77 -2.26 3.86
C GLN A 355 -26.23 -2.39 3.49
N LEU A 356 -27.11 -2.01 4.43
CA LEU A 356 -28.58 -2.08 4.15
C LEU A 356 -28.91 -1.05 3.07
N VAL A 357 -28.34 0.15 3.21
CA VAL A 357 -28.57 1.15 2.21
C VAL A 357 -28.08 0.64 0.84
N ARG A 358 -26.86 0.11 0.82
CA ARG A 358 -26.33 -0.35 -0.45
C ARG A 358 -27.26 -1.44 -1.04
N LEU A 359 -27.75 -2.34 -0.20
CA LEU A 359 -28.66 -3.39 -0.69
C LEU A 359 -29.96 -2.82 -1.31
N MET A 360 -30.49 -1.80 -0.71
CA MET A 360 -31.66 -1.12 -1.28
C MET A 360 -31.38 -0.49 -2.63
N GLU A 361 -30.20 0.08 -2.82
CA GLU A 361 -29.85 0.60 -4.14
C GLU A 361 -29.70 -0.59 -5.08
N ALA A 362 -28.97 -1.61 -4.64
CA ALA A 362 -28.79 -2.79 -5.47
C ALA A 362 -30.16 -3.43 -5.86
N GLU A 363 -31.20 -3.22 -5.05
CA GLU A 363 -32.48 -3.89 -5.32
C GLU A 363 -33.50 -2.96 -5.98
N GLY A 364 -33.07 -1.75 -6.31
CA GLY A 364 -33.86 -0.77 -7.06
C GLY A 364 -34.84 0.04 -6.25
N VAL A 365 -34.77 -0.03 -4.91
CA VAL A 365 -35.61 0.75 -4.06
C VAL A 365 -35.25 2.26 -4.16
N ILE A 366 -33.96 2.58 -4.33
CA ILE A 366 -33.50 3.96 -4.46
C ILE A 366 -32.47 4.02 -5.58
N GLY A 367 -32.30 5.19 -6.18
CA GLY A 367 -31.29 5.40 -7.22
C GLY A 367 -30.55 6.71 -7.06
N PRO A 368 -29.62 6.99 -7.99
CA PRO A 368 -28.90 8.31 -7.96
C PRO A 368 -29.79 9.51 -8.07
N GLN A 369 -31.04 9.35 -8.53
CA GLN A 369 -31.99 10.47 -8.63
C GLN A 369 -32.40 10.93 -7.26
N HIS A 370 -32.08 10.12 -6.27
CA HIS A 370 -32.66 10.27 -4.96
C HIS A 370 -31.73 10.83 -3.92
N LEU A 371 -30.53 11.15 -4.35
CA LEU A 371 -29.46 11.50 -3.41
C LEU A 371 -29.72 12.88 -2.81
N GLU A 372 -30.10 13.83 -3.66
CA GLU A 372 -30.33 15.18 -3.21
C GLU A 372 -31.70 15.25 -2.53
N GLN A 373 -32.66 14.50 -3.04
CA GLN A 373 -33.98 14.51 -2.47
C GLN A 373 -34.63 13.14 -2.59
N LEU A 374 -35.15 12.65 -1.46
CA LEU A 374 -35.86 11.39 -1.43
C LEU A 374 -37.38 11.65 -1.61
N PRO A 375 -37.94 11.36 -2.81
CA PRO A 375 -39.40 11.45 -3.00
C PRO A 375 -40.16 10.63 -1.96
N ARG A 376 -41.28 11.14 -1.48
CA ARG A 376 -42.14 10.43 -0.51
C ARG A 376 -42.43 8.97 -0.89
N LYS A 377 -42.79 8.72 -2.12
CA LYS A 377 -42.98 7.35 -2.56
C LYS A 377 -41.76 6.46 -2.22
N ASN A 378 -40.55 6.99 -2.37
CA ASN A 378 -39.35 6.19 -2.11
C ASN A 378 -39.14 6.00 -0.61
N LYS A 379 -39.49 7.03 0.18
CA LYS A 379 -39.45 6.93 1.65
C LYS A 379 -40.34 5.77 2.15
N ILE A 380 -41.57 5.71 1.63
CA ILE A 380 -42.46 4.60 1.85
C ILE A 380 -41.81 3.28 1.44
N ALA A 381 -41.25 3.19 0.22
CA ALA A 381 -40.66 1.90 -0.19
C ALA A 381 -39.47 1.53 0.70
N VAL A 382 -38.67 2.53 1.10
CA VAL A 382 -37.58 2.30 2.04
C VAL A 382 -38.08 1.66 3.32
N ARG A 383 -39.03 2.31 3.99
CA ARG A 383 -39.59 1.77 5.24
C ARG A 383 -40.18 0.37 5.07
N THR A 384 -40.92 0.19 3.99
CA THR A 384 -41.52 -1.09 3.68
C THR A 384 -40.48 -2.19 3.42
N TRP A 385 -39.46 -1.87 2.65
CA TRP A 385 -38.34 -2.81 2.45
C TRP A 385 -37.65 -3.17 3.77
N LEU A 386 -37.36 -2.18 4.62
CA LEU A 386 -36.76 -2.50 5.92
C LEU A 386 -37.70 -3.41 6.73
N PHE A 387 -38.98 -3.09 6.76
CA PHE A 387 -39.92 -3.87 7.55
C PHE A 387 -39.97 -5.32 7.02
N GLU A 388 -40.16 -5.47 5.71
CA GLU A 388 -40.31 -6.80 5.12
C GLU A 388 -39.03 -7.59 5.03
N ASN A 389 -37.90 -6.89 4.82
CA ASN A 389 -36.65 -7.58 4.46
C ASN A 389 -35.48 -7.45 5.38
N GLY A 390 -35.46 -6.38 6.18
CA GLY A 390 -34.39 -6.14 7.17
C GLY A 390 -33.80 -7.37 7.84
N GLU A 391 -34.68 -8.18 8.43
CA GLU A 391 -34.28 -9.29 9.25
C GLU A 391 -33.68 -10.36 8.40
N GLU A 392 -34.13 -10.51 7.17
CA GLU A 392 -33.52 -11.52 6.36
C GLU A 392 -32.17 -10.98 5.81
N ARG A 393 -32.16 -9.70 5.40
CA ARG A 393 -30.97 -9.17 4.67
C ARG A 393 -29.74 -9.16 5.57
N VAL A 394 -29.98 -8.84 6.82
CA VAL A 394 -28.96 -8.80 7.88
C VAL A 394 -28.27 -10.14 8.04
N THR A 395 -29.00 -11.24 7.81
CA THR A 395 -28.38 -12.56 7.86
C THR A 395 -27.54 -12.86 6.63
N ARG A 396 -27.53 -11.99 5.63
CA ARG A 396 -26.67 -12.13 4.46
C ARG A 396 -25.31 -11.45 4.64
N MET A 397 -24.98 -11.05 5.88
CA MET A 397 -23.86 -10.13 6.15
C MET A 397 -23.06 -10.66 7.29
N ALA A 398 -21.77 -10.36 7.28
CA ALA A 398 -20.97 -10.57 8.49
C ALA A 398 -20.18 -9.29 8.65
N ILE A 399 -20.50 -8.55 9.72
CA ILE A 399 -19.98 -7.21 9.95
C ILE A 399 -19.27 -7.19 11.26
N SER A 400 -18.00 -6.85 11.24
CA SER A 400 -17.23 -6.72 12.45
C SER A 400 -16.47 -5.38 12.32
N GLY A 401 -16.98 -4.34 12.99
CA GLY A 401 -16.35 -3.02 12.83
C GLY A 401 -16.52 -2.55 11.39
N ASP A 402 -15.41 -2.12 10.80
CA ASP A 402 -15.37 -1.72 9.41
C ASP A 402 -15.17 -2.89 8.45
N ASP A 403 -15.02 -4.12 8.95
CA ASP A 403 -14.87 -5.28 8.06
C ASP A 403 -16.25 -5.77 7.74
N CYS A 404 -16.50 -6.06 6.48
CA CYS A 404 -17.81 -6.58 6.11
C CYS A 404 -17.73 -7.63 4.99
N VAL A 405 -18.65 -8.59 5.04
CA VAL A 405 -18.93 -9.48 3.94
C VAL A 405 -20.46 -9.43 3.72
N VAL A 406 -20.89 -9.39 2.46
CA VAL A 406 -22.30 -9.34 2.19
C VAL A 406 -22.62 -10.20 0.95
N LYS A 407 -23.70 -11.00 1.04
CA LYS A 407 -24.17 -11.72 -0.15
C LYS A 407 -25.50 -11.20 -0.59
N PRO A 408 -25.52 -10.33 -1.62
CA PRO A 408 -26.72 -9.69 -2.08
C PRO A 408 -27.56 -10.69 -2.81
N LEU A 409 -28.80 -10.32 -3.13
CA LEU A 409 -29.70 -11.15 -3.93
C LEU A 409 -29.17 -11.43 -5.33
N ASP A 410 -28.51 -10.44 -5.88
CA ASP A 410 -27.99 -10.53 -7.23
C ASP A 410 -26.88 -9.48 -7.40
N ASP A 411 -26.14 -9.63 -8.49
CA ASP A 411 -24.92 -8.84 -8.76
C ASP A 411 -25.03 -7.37 -9.23
N ARG A 412 -26.24 -6.82 -9.32
CA ARG A 412 -26.39 -5.34 -9.35
C ARG A 412 -25.70 -4.66 -8.15
N PHE A 413 -25.52 -5.42 -7.05
CA PHE A 413 -24.81 -4.93 -5.89
C PHE A 413 -23.46 -4.37 -6.29
N ALA A 414 -22.85 -4.96 -7.34
CA ALA A 414 -21.52 -4.56 -7.79
C ALA A 414 -21.51 -3.08 -8.21
N THR A 415 -22.59 -2.65 -8.84
CA THR A 415 -22.65 -1.32 -9.42
C THR A 415 -23.40 -0.37 -8.49
N ALA A 416 -23.91 -0.86 -7.35
CA ALA A 416 -24.73 0.03 -6.50
C ALA A 416 -23.80 0.87 -5.62
N LEU A 417 -23.41 2.03 -6.11
CA LEU A 417 -22.29 2.75 -5.50
C LEU A 417 -22.65 4.20 -5.22
N HIS A 418 -23.82 4.61 -5.66
CA HIS A 418 -24.15 6.04 -5.59
C HIS A 418 -24.38 6.49 -4.15
N PHE A 419 -25.22 5.75 -3.44
CA PHE A 419 -25.42 6.05 -2.04
C PHE A 419 -24.13 5.75 -1.27
N LEU A 420 -23.44 4.70 -1.63
CA LEU A 420 -22.20 4.36 -0.90
C LEU A 420 -21.13 5.45 -0.98
N ASN A 421 -20.85 5.93 -2.20
CA ASN A 421 -19.92 7.03 -2.35
C ASN A 421 -20.50 8.34 -1.73
N ALA A 422 -21.80 8.57 -1.84
CA ALA A 422 -22.38 9.84 -1.33
C ALA A 422 -22.25 9.90 0.21
N MET A 423 -22.11 8.73 0.83
CA MET A 423 -22.00 8.61 2.28
C MET A 423 -20.53 8.73 2.69
N SER A 424 -19.64 9.01 1.73
CA SER A 424 -18.18 9.12 1.99
C SER A 424 -17.56 7.76 2.31
N LYS A 425 -18.35 6.71 2.14
CA LYS A 425 -17.84 5.37 2.41
C LYS A 425 -17.15 4.85 1.18
N VAL A 426 -16.10 5.55 0.75
CA VAL A 426 -15.42 5.21 -0.51
C VAL A 426 -14.65 3.93 -0.32
N ARG A 427 -14.74 3.03 -1.31
CA ARG A 427 -14.08 1.73 -1.20
C ARG A 427 -12.60 1.89 -1.44
N LYS A 428 -11.82 1.01 -0.83
CA LYS A 428 -10.36 1.10 -0.84
C LYS A 428 -9.76 0.44 -2.10
N ASP A 429 -8.68 1.06 -2.62
CA ASP A 429 -7.84 0.46 -3.69
C ASP A 429 -8.62 0.02 -4.93
N ILE A 430 -9.75 0.65 -5.21
CA ILE A 430 -10.44 0.47 -6.45
C ILE A 430 -10.90 1.86 -6.92
N GLN A 431 -10.88 2.10 -8.23
CA GLN A 431 -11.38 3.38 -8.71
C GLN A 431 -12.85 3.58 -8.28
N GLU A 432 -13.20 4.84 -8.01
CA GLU A 432 -14.41 5.23 -7.35
C GLU A 432 -15.71 4.66 -7.92
N TRP A 433 -15.77 4.60 -9.24
CA TRP A 433 -17.00 4.15 -9.91
C TRP A 433 -16.80 2.84 -10.63
N LYS A 434 -15.66 2.19 -10.48
CA LYS A 434 -15.56 0.81 -10.97
C LYS A 434 -16.37 -0.26 -10.15
N PRO A 435 -17.15 -1.09 -10.83
CA PRO A 435 -17.95 -2.06 -10.10
C PRO A 435 -17.13 -2.93 -9.16
N SER A 436 -17.68 -3.35 -8.00
CA SER A 436 -16.95 -4.18 -7.09
C SER A 436 -16.68 -5.55 -7.67
N HIS A 437 -15.59 -6.19 -7.23
CA HIS A 437 -15.34 -7.58 -7.46
C HIS A 437 -16.02 -8.41 -6.40
N GLY A 438 -16.71 -9.46 -6.82
CA GLY A 438 -17.30 -10.39 -5.86
C GLY A 438 -16.72 -11.77 -6.19
N TRP A 439 -16.91 -12.74 -5.30
CA TRP A 439 -16.35 -14.07 -5.42
C TRP A 439 -17.46 -15.09 -5.42
N HIS A 440 -17.42 -16.06 -6.36
CA HIS A 440 -18.30 -17.23 -6.32
C HIS A 440 -17.93 -18.22 -5.22
N ASP A 441 -16.66 -18.23 -4.82
CA ASP A 441 -16.14 -19.20 -3.82
C ASP A 441 -15.95 -18.51 -2.46
N TRP A 442 -16.72 -18.93 -1.44
CA TRP A 442 -16.65 -18.28 -0.11
C TRP A 442 -15.27 -18.43 0.54
N GLN A 443 -14.53 -19.47 0.13
CA GLN A 443 -13.15 -19.64 0.57
C GLN A 443 -12.11 -18.63 0.07
N GLN A 444 -12.48 -17.79 -0.90
CA GLN A 444 -11.56 -16.68 -1.30
C GLN A 444 -11.89 -15.35 -0.61
N VAL A 445 -12.97 -15.32 0.16
CA VAL A 445 -13.46 -14.09 0.76
C VAL A 445 -12.66 -13.72 2.01
N PRO A 446 -12.02 -12.53 2.01
CA PRO A 446 -11.22 -12.02 3.18
C PRO A 446 -12.12 -11.32 4.19
N PHE A 447 -11.80 -11.52 5.47
CA PHE A 447 -12.64 -11.04 6.59
C PHE A 447 -11.85 -11.14 7.86
N CYS A 448 -11.60 -10.00 8.53
CA CYS A 448 -10.94 -9.94 9.84
C CYS A 448 -9.58 -10.60 9.69
N SER A 449 -8.93 -10.25 8.61
CA SER A 449 -7.51 -10.58 8.40
C SER A 449 -7.28 -12.02 8.01
N ASN A 450 -8.35 -12.73 7.73
CA ASN A 450 -8.25 -14.13 7.31
C ASN A 450 -9.02 -14.37 5.99
N HIS A 451 -8.78 -15.52 5.37
CA HIS A 451 -9.80 -16.18 4.57
C HIS A 451 -9.97 -17.56 5.25
N PHE A 452 -10.86 -18.39 4.73
CA PHE A 452 -11.19 -19.63 5.41
C PHE A 452 -11.32 -20.71 4.41
N GLN A 453 -10.86 -21.90 4.80
CA GLN A 453 -10.66 -23.06 3.91
C GLN A 453 -11.38 -24.25 4.53
N GLU A 454 -12.16 -24.99 3.74
CA GLU A 454 -12.73 -26.24 4.19
C GLU A 454 -11.74 -27.35 3.94
N ILE A 455 -11.32 -28.03 5.00
CA ILE A 455 -10.39 -29.15 4.80
C ILE A 455 -10.87 -30.45 5.40
N VAL A 456 -10.48 -31.54 4.74
CA VAL A 456 -10.97 -32.88 5.12
C VAL A 456 -9.95 -33.58 6.01
N MET A 457 -10.41 -34.08 7.13
CA MET A 457 -9.54 -34.85 8.03
C MET A 457 -9.51 -36.30 7.58
N LYS A 458 -8.59 -37.06 8.15
CA LYS A 458 -8.43 -38.50 7.84
C LYS A 458 -9.68 -39.30 8.07
N ASP A 459 -10.41 -39.00 9.15
CA ASP A 459 -11.65 -39.73 9.48
C ASP A 459 -12.88 -39.36 8.59
N GLY A 460 -12.65 -38.58 7.54
CA GLY A 460 -13.71 -38.22 6.58
C GLY A 460 -14.50 -36.97 6.92
N ARG A 461 -14.48 -36.56 8.19
CA ARG A 461 -15.09 -35.28 8.58
C ARG A 461 -14.26 -34.07 8.13
N SER A 462 -14.94 -32.95 7.97
CA SER A 462 -14.30 -31.74 7.47
C SER A 462 -14.44 -30.59 8.46
N ILE A 463 -13.48 -29.66 8.40
CA ILE A 463 -13.50 -28.42 9.21
C ILE A 463 -13.18 -27.19 8.36
N VAL A 464 -13.58 -26.02 8.88
CA VAL A 464 -13.38 -24.77 8.18
C VAL A 464 -12.45 -23.94 9.05
N VAL A 465 -11.22 -23.73 8.57
CA VAL A 465 -10.14 -23.20 9.38
C VAL A 465 -9.68 -21.81 8.87
N PRO A 466 -9.20 -20.94 9.79
CA PRO A 466 -8.75 -19.62 9.38
C PRO A 466 -7.36 -19.72 8.79
N CYS A 467 -7.08 -18.87 7.81
CA CYS A 467 -5.83 -18.86 7.15
C CYS A 467 -5.43 -17.39 6.76
N ARG A 468 -4.15 -17.05 6.95
CA ARG A 468 -3.62 -15.74 6.57
C ARG A 468 -2.12 -15.80 6.31
N GLY A 469 -1.57 -14.72 5.79
CA GLY A 469 -0.16 -14.64 5.47
C GLY A 469 0.74 -15.07 6.62
N GLN A 470 1.55 -16.09 6.38
CA GLN A 470 2.41 -16.66 7.40
C GLN A 470 3.54 -15.72 7.83
N ASP A 471 4.10 -14.97 6.89
CA ASP A 471 5.10 -13.96 7.24
C ASP A 471 4.59 -12.99 8.35
N GLU A 472 3.39 -12.50 8.22
CA GLU A 472 2.87 -11.60 9.23
C GLU A 472 2.79 -12.27 10.62
N LEU A 473 2.43 -13.55 10.63
CA LEU A 473 2.27 -14.28 11.90
C LEU A 473 3.61 -14.43 12.55
N ILE A 474 4.59 -14.92 11.76
CA ILE A 474 5.95 -15.11 12.25
C ILE A 474 6.58 -13.80 12.64
N GLY A 475 6.39 -12.80 11.80
CA GLY A 475 6.87 -11.45 12.10
C GLY A 475 6.38 -10.92 13.45
N ARG A 476 5.08 -11.07 13.71
CA ARG A 476 4.52 -10.59 14.95
C ARG A 476 5.03 -11.36 16.15
N ALA A 477 5.17 -12.69 16.01
CA ALA A 477 5.62 -13.51 17.10
C ALA A 477 7.05 -13.14 17.48
N ARG A 478 7.83 -12.72 16.51
CA ARG A 478 9.20 -12.32 16.77
C ARG A 478 9.31 -11.01 17.52
N ILE A 479 8.20 -10.28 17.63
CA ILE A 479 8.20 -8.99 18.33
C ILE A 479 7.91 -9.09 19.82
N SER A 480 8.66 -8.37 20.62
CA SER A 480 8.56 -8.46 22.05
C SER A 480 8.26 -7.06 22.56
N PRO A 481 7.07 -6.88 23.13
CA PRO A 481 6.70 -5.55 23.59
C PRO A 481 7.53 -5.12 24.80
N GLY A 482 8.15 -6.09 25.47
CA GLY A 482 8.77 -5.83 26.77
C GLY A 482 10.21 -5.29 26.81
N ALA A 483 10.35 -4.06 27.34
CA ALA A 483 11.63 -3.59 27.90
C ALA A 483 11.84 -4.39 29.20
N GLY A 484 10.71 -4.52 29.92
CA GLY A 484 10.59 -5.26 31.17
C GLY A 484 9.95 -6.64 31.05
N TRP A 485 10.49 -7.44 30.13
CA TRP A 485 10.20 -8.87 30.02
C TRP A 485 11.43 -9.72 30.46
N ASN A 486 11.22 -10.61 31.44
CA ASN A 486 12.19 -11.61 31.87
C ASN A 486 12.66 -12.49 30.71
N VAL A 487 13.71 -13.27 30.93
CA VAL A 487 13.86 -14.47 30.14
C VAL A 487 12.56 -15.26 30.19
N LYS A 488 12.01 -15.45 31.41
CA LYS A 488 10.72 -16.12 31.59
C LYS A 488 9.52 -15.53 30.80
N ASP A 489 9.39 -14.21 30.81
CA ASP A 489 8.25 -13.57 30.11
C ASP A 489 8.31 -13.64 28.59
N THR A 490 9.52 -13.64 28.06
CA THR A 490 9.80 -13.82 26.66
C THR A 490 9.43 -15.22 26.20
N ALA A 491 9.89 -16.21 26.96
CA ALA A 491 9.58 -17.59 26.67
C ALA A 491 8.07 -17.86 26.84
N CYS A 492 7.43 -17.21 27.80
CA CYS A 492 5.98 -17.40 27.95
C CYS A 492 5.19 -16.75 26.79
N LEU A 493 5.65 -15.59 26.33
CA LEU A 493 5.05 -14.98 25.18
C LEU A 493 5.25 -15.83 23.91
N ALA A 494 6.48 -16.31 23.70
CA ALA A 494 6.75 -17.20 22.59
C ALA A 494 5.81 -18.37 22.66
N LYS A 495 5.64 -18.90 23.88
CA LYS A 495 4.67 -19.96 24.15
C LYS A 495 3.22 -19.61 23.76
N ALA A 496 2.79 -18.40 24.07
CA ALA A 496 1.44 -17.89 23.70
C ALA A 496 1.22 -17.89 22.20
N TYR A 497 2.18 -17.36 21.45
CA TYR A 497 2.15 -17.41 19.98
C TYR A 497 2.11 -18.82 19.43
N ALA A 498 3.00 -19.67 19.94
CA ALA A 498 3.08 -21.06 19.51
C ALA A 498 1.76 -21.75 19.70
N GLN A 499 1.20 -21.60 20.89
CA GLN A 499 -0.07 -22.25 21.20
C GLN A 499 -1.28 -21.68 20.43
N MET A 500 -1.25 -20.37 20.18
CA MET A 500 -2.25 -19.79 19.31
C MET A 500 -2.17 -20.39 17.88
N TRP A 501 -0.97 -20.43 17.32
CA TRP A 501 -0.80 -21.19 16.06
C TRP A 501 -1.33 -22.64 16.14
N LEU A 502 -1.16 -23.29 17.29
CA LEU A 502 -1.60 -24.71 17.37
C LEU A 502 -3.12 -24.77 17.38
N LEU A 503 -3.78 -23.73 17.90
CA LEU A 503 -5.23 -23.81 17.96
C LEU A 503 -5.87 -23.37 16.68
N LEU A 504 -5.26 -22.39 15.98
CA LEU A 504 -5.89 -21.73 14.77
C LEU A 504 -5.20 -22.03 13.44
N TYR A 505 -3.90 -22.25 13.46
CA TYR A 505 -3.13 -22.36 12.25
C TYR A 505 -2.29 -23.65 12.23
N PHE A 506 -2.71 -24.66 12.98
CA PHE A 506 -2.12 -26.02 12.95
C PHE A 506 -1.98 -26.59 11.57
N HIS A 507 -2.88 -26.17 10.66
CA HIS A 507 -2.93 -26.68 9.30
C HIS A 507 -1.85 -26.09 8.40
N ARG A 508 -0.96 -25.30 8.98
CA ARG A 508 0.14 -24.78 8.20
C ARG A 508 1.39 -25.48 8.68
N ARG A 509 2.11 -26.11 7.76
CA ARG A 509 3.24 -26.96 8.13
C ARG A 509 4.33 -26.23 8.92
N ASP A 510 4.84 -25.13 8.41
CA ASP A 510 5.90 -24.35 9.11
C ASP A 510 5.42 -23.93 10.50
N LEU A 511 4.16 -23.52 10.61
CA LEU A 511 3.67 -23.07 11.94
C LEU A 511 3.46 -24.18 12.94
N ARG A 512 2.94 -25.32 12.47
CA ARG A 512 2.90 -26.52 13.32
C ARG A 512 4.28 -26.88 13.85
N LEU A 513 5.27 -26.89 12.94
CA LEU A 513 6.64 -27.28 13.24
C LEU A 513 7.28 -26.29 14.21
N MET A 514 7.08 -25.01 13.92
CA MET A 514 7.69 -23.93 14.72
C MET A 514 7.06 -23.84 16.12
N ALA A 515 5.74 -23.89 16.18
CA ALA A 515 5.02 -23.98 17.46
C ALA A 515 5.52 -25.15 18.32
N ASN A 516 5.62 -26.34 17.72
CA ASN A 516 6.08 -27.48 18.47
C ASN A 516 7.52 -27.34 19.03
N ALA A 517 8.40 -26.79 18.19
CA ALA A 517 9.77 -26.57 18.59
C ALA A 517 9.85 -25.57 19.73
N ILE A 518 9.08 -24.49 19.64
CA ILE A 518 8.98 -23.52 20.75
C ILE A 518 8.46 -24.13 22.06
N CYS A 519 7.41 -24.94 21.97
CA CYS A 519 6.81 -25.64 23.15
C CYS A 519 7.78 -26.71 23.72
N SER A 520 8.61 -27.29 22.87
CA SER A 520 9.68 -28.20 23.30
C SER A 520 10.81 -27.43 24.01
N ALA A 521 11.00 -26.14 23.70
CA ALA A 521 12.13 -25.36 24.19
C ALA A 521 11.86 -24.57 25.47
N VAL A 522 10.60 -24.45 25.84
CA VAL A 522 10.15 -23.64 26.96
C VAL A 522 9.54 -24.60 28.02
N PRO A 523 9.87 -24.40 29.31
CA PRO A 523 9.41 -25.29 30.39
C PRO A 523 7.89 -25.56 30.29
N VAL A 524 7.49 -26.83 30.32
CA VAL A 524 6.11 -27.26 30.11
C VAL A 524 5.15 -26.68 31.17
N ASP A 525 5.65 -26.34 32.34
CA ASP A 525 4.82 -25.82 33.40
C ASP A 525 4.79 -24.30 33.41
N TRP A 526 5.43 -23.66 32.45
CA TRP A 526 5.30 -22.21 32.35
C TRP A 526 4.02 -21.82 31.61
N VAL A 527 3.28 -20.89 32.20
CA VAL A 527 2.01 -20.41 31.67
C VAL A 527 2.24 -19.30 30.66
N PRO A 528 1.71 -19.46 29.44
CA PRO A 528 1.74 -18.37 28.46
C PRO A 528 1.22 -17.04 29.04
N THR A 529 1.97 -15.96 28.81
CA THR A 529 1.53 -14.61 29.19
C THR A 529 1.63 -13.68 27.99
N GLY A 530 1.02 -12.51 28.15
CA GLY A 530 1.08 -11.48 27.10
C GLY A 530 -0.06 -11.58 26.07
N ARG A 531 0.11 -10.89 24.95
CA ARG A 531 -0.98 -10.66 24.02
C ARG A 531 -0.47 -11.06 22.61
N THR A 532 -1.20 -11.93 21.91
CA THR A 532 -0.77 -12.36 20.60
C THR A 532 -1.52 -11.62 19.53
N SER A 533 -2.64 -11.04 19.92
CA SER A 533 -3.48 -10.37 18.94
C SER A 533 -4.30 -9.28 19.59
N TRP A 534 -4.62 -8.23 18.84
CA TRP A 534 -5.52 -7.19 19.37
C TRP A 534 -6.98 -7.46 18.98
N SER A 535 -7.17 -8.38 18.05
CA SER A 535 -8.49 -8.62 17.52
C SER A 535 -9.57 -9.01 18.57
N ILE A 536 -10.74 -8.39 18.46
CA ILE A 536 -11.84 -8.76 19.29
C ILE A 536 -12.23 -10.20 19.10
N HIS A 537 -11.75 -10.81 18.00
CA HIS A 537 -11.99 -12.23 17.71
C HIS A 537 -10.96 -13.23 18.23
N SER A 538 -9.86 -12.78 18.87
CA SER A 538 -8.96 -13.79 19.49
C SER A 538 -9.29 -13.92 20.91
N LYS A 539 -9.77 -15.10 21.29
CA LYS A 539 -10.34 -15.27 22.65
C LYS A 539 -9.33 -15.82 23.66
N GLY A 540 -8.22 -16.35 23.17
CA GLY A 540 -7.10 -16.69 24.04
C GLY A 540 -7.22 -18.04 24.70
N GLU A 541 -7.90 -19.00 24.07
CA GLU A 541 -7.95 -20.39 24.54
C GLU A 541 -6.55 -20.99 24.63
N TRP A 542 -5.55 -20.37 24.00
CA TRP A 542 -4.19 -20.91 24.01
C TRP A 542 -3.39 -20.42 25.22
N MET A 543 -3.94 -19.46 25.97
CA MET A 543 -3.24 -18.96 27.16
C MET A 543 -3.39 -19.99 28.32
N THR A 544 -2.67 -21.12 28.23
CA THR A 544 -2.91 -22.20 29.17
C THR A 544 -1.75 -23.21 29.23
N THR A 545 -1.72 -24.01 30.29
CA THR A 545 -0.75 -25.09 30.34
C THR A 545 -1.43 -26.42 30.05
N GLU A 546 -2.75 -26.40 29.86
CA GLU A 546 -3.45 -27.59 29.43
C GLU A 546 -2.85 -28.07 28.08
N ASP A 547 -2.82 -29.39 27.90
CA ASP A 547 -2.34 -30.01 26.69
C ASP A 547 -3.16 -29.47 25.52
N MET A 548 -2.46 -29.02 24.47
CA MET A 548 -3.13 -28.25 23.41
C MET A 548 -4.10 -29.07 22.55
N LEU A 549 -3.87 -30.37 22.48
CA LEU A 549 -4.73 -31.26 21.73
C LEU A 549 -6.11 -31.34 22.36
N GLN A 550 -6.19 -31.23 23.68
CA GLN A 550 -7.47 -31.27 24.39
C GLN A 550 -8.26 -30.02 24.16
N VAL A 551 -7.57 -28.90 24.26
CA VAL A 551 -8.10 -27.58 23.85
C VAL A 551 -8.57 -27.60 22.38
N TRP A 552 -7.76 -28.21 21.50
CA TRP A 552 -8.09 -28.34 20.08
C TRP A 552 -9.37 -29.13 19.98
N ASN A 553 -9.46 -30.27 20.67
CA ASN A 553 -10.65 -31.09 20.62
C ASN A 553 -11.88 -30.36 21.10
N ARG A 554 -11.70 -29.56 22.14
CA ARG A 554 -12.83 -28.86 22.71
C ARG A 554 -13.31 -27.77 21.73
N VAL A 555 -12.36 -27.07 21.12
CA VAL A 555 -12.71 -26.00 20.16
C VAL A 555 -13.25 -26.59 18.84
N TRP A 556 -12.48 -27.49 18.23
CA TRP A 556 -12.86 -27.98 16.89
C TRP A 556 -13.88 -29.11 16.81
N ILE A 557 -14.18 -29.76 17.94
CA ILE A 557 -15.08 -30.93 17.92
C ILE A 557 -16.22 -30.63 18.85
N GLU A 558 -15.87 -30.55 20.13
CA GLU A 558 -16.79 -30.46 21.21
C GLU A 558 -17.72 -29.25 21.14
N GLU A 559 -17.13 -28.07 21.10
CA GLU A 559 -17.93 -26.86 21.16
C GLU A 559 -18.19 -26.34 19.76
N ASN A 560 -17.74 -27.05 18.74
CA ASN A 560 -18.00 -26.70 17.35
C ASN A 560 -19.42 -27.07 16.89
N GLU A 561 -20.34 -26.11 16.91
CA GLU A 561 -21.76 -26.42 16.59
C GLU A 561 -22.01 -26.81 15.14
N TRP A 562 -20.97 -26.76 14.33
CA TRP A 562 -21.08 -27.24 12.94
C TRP A 562 -20.47 -28.63 12.84
N MET A 563 -19.98 -29.16 13.96
CA MET A 563 -19.44 -30.51 14.04
C MET A 563 -20.49 -31.44 14.65
N MET A 564 -21.02 -32.36 13.85
CA MET A 564 -22.12 -33.21 14.29
C MET A 564 -21.65 -34.40 15.08
N ASP A 565 -20.79 -35.19 14.46
CA ASP A 565 -20.12 -36.27 15.14
C ASP A 565 -19.07 -35.75 16.15
N LYS A 566 -19.37 -35.99 17.42
CA LYS A 566 -18.55 -35.53 18.51
C LYS A 566 -17.36 -36.40 18.81
N THR A 567 -16.97 -37.28 17.90
CA THR A 567 -15.85 -38.19 18.20
C THR A 567 -14.53 -37.43 18.36
N PRO A 568 -13.95 -37.47 19.58
CA PRO A 568 -12.61 -36.87 19.87
C PRO A 568 -11.53 -37.33 18.89
N ILE A 569 -10.62 -36.43 18.54
CA ILE A 569 -9.45 -36.79 17.75
C ILE A 569 -8.38 -37.08 18.76
N ALA A 570 -7.60 -38.14 18.53
CA ALA A 570 -6.70 -38.63 19.59
C ALA A 570 -5.24 -38.26 19.41
N SER A 571 -4.87 -37.85 18.21
CA SER A 571 -3.47 -37.53 17.93
C SER A 571 -3.28 -36.40 16.92
N TRP A 572 -2.26 -35.58 17.13
CA TRP A 572 -1.90 -34.55 16.15
C TRP A 572 -1.77 -35.14 14.75
N THR A 573 -1.40 -36.41 14.68
CA THR A 573 -1.37 -37.18 13.44
C THR A 573 -2.67 -37.06 12.61
N ASP A 574 -3.80 -36.96 13.31
CA ASP A 574 -5.09 -36.96 12.63
C ASP A 574 -5.65 -35.55 12.47
N VAL A 575 -4.90 -34.57 12.99
CA VAL A 575 -5.21 -33.17 12.75
C VAL A 575 -4.65 -32.74 11.39
N PRO A 576 -5.53 -32.29 10.48
CA PRO A 576 -5.22 -32.06 9.06
C PRO A 576 -4.35 -30.82 8.78
N TYR A 577 -3.62 -30.86 7.66
CA TYR A 577 -2.93 -29.70 7.07
C TYR A 577 -3.76 -29.20 5.91
N VAL A 578 -3.57 -27.93 5.48
CA VAL A 578 -4.09 -27.50 4.18
C VAL A 578 -3.29 -28.16 3.08
N GLY A 579 -3.83 -28.15 1.86
CA GLY A 579 -3.07 -28.69 0.71
C GLY A 579 -1.80 -27.88 0.56
N LYS A 580 -0.71 -28.53 0.14
CA LYS A 580 0.57 -27.84 -0.10
C LYS A 580 0.42 -26.57 -0.97
N ARG A 581 -0.44 -26.63 -1.97
CA ARG A 581 -0.67 -25.48 -2.85
C ARG A 581 -1.09 -24.21 -2.06
N GLU A 582 -2.14 -24.34 -1.29
CA GLU A 582 -2.61 -23.34 -0.36
C GLU A 582 -1.51 -22.84 0.56
N ASP A 583 -0.79 -23.78 1.18
CA ASP A 583 0.18 -23.49 2.21
C ASP A 583 1.23 -22.55 1.61
N ILE A 584 1.68 -22.91 0.39
CA ILE A 584 2.69 -22.13 -0.30
C ILE A 584 2.11 -20.78 -0.74
N TRP A 585 0.82 -20.77 -1.05
CA TRP A 585 0.18 -19.57 -1.51
C TRP A 585 0.24 -18.56 -0.37
N CYS A 586 -0.04 -19.02 0.84
CA CYS A 586 -0.08 -18.13 1.95
C CYS A 586 1.26 -18.07 2.68
N GLY A 587 2.36 -18.23 1.95
CA GLY A 587 3.70 -18.01 2.52
C GLY A 587 4.50 -19.15 3.09
N SER A 588 4.03 -20.40 2.98
CA SER A 588 4.86 -21.51 3.45
C SER A 588 6.23 -21.55 2.75
N LEU A 589 7.26 -22.04 3.46
CA LEU A 589 8.59 -22.18 2.89
C LEU A 589 8.90 -23.61 2.52
N ILE A 590 7.90 -24.50 2.54
CA ILE A 590 8.18 -25.91 2.18
C ILE A 590 8.69 -25.93 0.75
N GLY A 591 9.46 -26.96 0.42
CA GLY A 591 10.05 -27.07 -0.92
C GLY A 591 11.39 -26.36 -1.09
N THR A 592 11.74 -25.50 -0.12
CA THR A 592 12.99 -24.78 -0.20
C THR A 592 14.08 -25.46 0.60
N ARG A 593 15.32 -25.17 0.20
CA ARG A 593 16.51 -25.69 0.86
C ARG A 593 16.65 -25.11 2.26
N SER A 594 16.40 -23.82 2.40
CA SER A 594 16.38 -23.15 3.71
C SER A 594 15.46 -23.82 4.77
N ARG A 595 14.18 -23.99 4.44
CA ARG A 595 13.21 -24.65 5.29
C ARG A 595 13.55 -26.12 5.59
N ALA A 596 14.07 -26.85 4.60
CA ALA A 596 14.54 -28.24 4.84
C ALA A 596 15.76 -28.34 5.76
N THR A 597 16.80 -27.54 5.52
CA THR A 597 17.90 -27.45 6.50
C THR A 597 17.34 -27.16 7.91
N TRP A 598 16.40 -26.23 7.96
CA TRP A 598 15.78 -25.79 9.19
C TRP A 598 15.08 -26.90 9.97
N ALA A 599 14.24 -27.66 9.27
CA ALA A 599 13.52 -28.81 9.85
C ALA A 599 14.47 -29.88 10.35
N GLU A 600 15.60 -30.04 9.67
CA GLU A 600 16.57 -31.07 10.01
C GLU A 600 17.43 -30.69 11.21
N ASN A 601 17.67 -29.39 11.43
CA ASN A 601 18.59 -28.97 12.51
C ASN A 601 17.89 -28.29 13.68
N ILE A 602 16.57 -28.29 13.68
CA ILE A 602 15.78 -27.57 14.70
C ILE A 602 16.22 -27.84 16.15
N TYR A 603 16.69 -29.06 16.39
CA TYR A 603 17.05 -29.51 17.72
C TYR A 603 18.20 -28.68 18.30
N ALA A 604 19.13 -28.24 17.45
CA ALA A 604 20.20 -27.40 17.92
C ALA A 604 19.59 -26.12 18.53
N ALA A 605 18.61 -25.56 17.84
CA ALA A 605 17.92 -24.38 18.33
C ALA A 605 17.15 -24.66 19.62
N ILE A 606 16.40 -25.76 19.65
CA ILE A 606 15.70 -26.12 20.88
C ILE A 606 16.63 -26.28 22.08
N ASN A 607 17.72 -27.02 21.89
CA ASN A 607 18.64 -27.29 22.98
C ASN A 607 19.38 -26.04 23.41
N GLN A 608 19.67 -25.16 22.45
CA GLN A 608 20.26 -23.88 22.73
C GLN A 608 19.34 -23.05 23.65
N VAL A 609 18.04 -23.10 23.39
CA VAL A 609 17.07 -22.44 24.27
C VAL A 609 16.99 -23.07 25.65
N ARG A 610 16.85 -24.39 25.68
CA ARG A 610 16.79 -25.15 26.94
C ARG A 610 18.04 -24.86 27.76
N ALA A 611 19.15 -24.62 27.06
CA ALA A 611 20.43 -24.33 27.72
C ALA A 611 20.49 -22.91 28.27
N VAL A 612 19.90 -21.94 27.58
CA VAL A 612 19.82 -20.61 28.16
C VAL A 612 18.84 -20.60 29.37
N ILE A 613 17.65 -21.17 29.18
CA ILE A 613 16.67 -21.12 30.26
C ILE A 613 17.19 -21.82 31.50
N GLY A 614 17.86 -22.96 31.32
CA GLY A 614 18.35 -23.73 32.48
C GLY A 614 17.64 -25.06 32.79
N LYS A 615 17.94 -25.64 33.95
CA LYS A 615 17.39 -26.96 34.28
C LYS A 615 15.89 -26.90 34.68
N GLU A 616 15.05 -27.45 33.81
CA GLU A 616 13.61 -27.30 33.91
C GLU A 616 12.91 -28.54 33.35
N ASN A 617 11.64 -28.72 33.73
CA ASN A 617 10.83 -29.74 33.09
C ASN A 617 10.46 -29.34 31.65
N TYR A 618 11.02 -30.07 30.70
CA TYR A 618 10.74 -29.86 29.28
C TYR A 618 10.07 -31.09 28.71
N VAL A 619 9.47 -30.95 27.55
CA VAL A 619 8.92 -32.09 26.84
C VAL A 619 9.34 -32.01 25.38
N ASP A 620 9.65 -33.15 24.78
CA ASP A 620 9.97 -33.25 23.36
C ASP A 620 8.69 -33.45 22.51
N TYR A 621 8.15 -32.36 21.96
CA TYR A 621 6.96 -32.44 21.12
C TYR A 621 7.20 -32.74 19.64
N MET A 622 8.45 -32.80 19.20
CA MET A 622 8.78 -33.24 17.83
C MET A 622 8.68 -34.78 17.64
N THR A 623 7.62 -35.39 18.19
CA THR A 623 7.37 -36.82 18.03
C THR A 623 7.29 -37.12 16.52
N SER A 624 6.55 -36.28 15.77
CA SER A 624 6.57 -36.33 14.29
C SER A 624 7.51 -35.27 13.69
N SER B 8 12.49 38.37 -9.91
CA SER B 8 13.40 37.62 -10.83
C SER B 8 12.77 36.32 -11.33
N ASN B 9 12.15 35.58 -10.40
CA ASN B 9 11.38 34.40 -10.79
C ASN B 9 10.09 34.79 -11.54
N GLN B 10 9.37 35.78 -10.99
CA GLN B 10 8.27 36.44 -11.68
C GLN B 10 8.65 36.70 -13.13
N GLU B 11 9.84 37.26 -13.29
CA GLU B 11 10.43 37.63 -14.58
C GLU B 11 10.61 36.45 -15.52
N LYS B 12 11.11 35.34 -14.98
CA LYS B 12 11.28 34.10 -15.75
C LYS B 12 9.98 33.42 -16.24
N ILE B 13 8.84 33.69 -15.60
CA ILE B 13 7.59 33.01 -15.95
C ILE B 13 6.54 33.92 -16.58
N LYS B 14 6.79 35.21 -16.45
CA LYS B 14 5.85 36.26 -16.90
C LYS B 14 5.25 35.99 -18.28
N LYS B 15 6.12 35.67 -19.24
CA LYS B 15 5.69 35.49 -20.61
C LYS B 15 4.72 34.29 -20.82
N ARG B 16 5.03 33.15 -20.19
CA ARG B 16 4.19 31.94 -20.25
C ARG B 16 2.82 32.18 -19.64
N ILE B 17 2.83 32.94 -18.54
CA ILE B 17 1.60 33.35 -17.86
C ILE B 17 0.77 34.29 -18.73
N GLN B 18 1.42 35.35 -19.23
CA GLN B 18 0.79 36.28 -20.14
C GLN B 18 0.11 35.56 -21.29
N LYS B 19 0.81 34.60 -21.91
CA LYS B 19 0.29 33.95 -23.08
C LYS B 19 -0.99 33.24 -22.73
N LEU B 20 -1.01 32.60 -21.56
CA LEU B 20 -2.20 31.85 -21.13
C LEU B 20 -3.34 32.82 -20.75
N LYS B 21 -2.99 33.83 -19.96
CA LYS B 21 -3.91 34.87 -19.52
C LYS B 21 -4.60 35.53 -20.73
N GLU B 22 -3.84 35.73 -21.82
CA GLU B 22 -4.39 36.31 -23.05
C GLU B 22 -5.22 35.30 -23.86
N GLU B 23 -4.72 34.08 -24.02
CA GLU B 23 -5.45 33.08 -24.79
C GLU B 23 -6.83 32.76 -24.18
N PHE B 24 -6.94 32.85 -22.85
CA PHE B 24 -8.17 32.47 -22.17
C PHE B 24 -8.83 33.62 -21.40
N ALA B 25 -8.59 34.84 -21.88
CA ALA B 25 -9.08 36.06 -21.23
C ALA B 25 -10.59 36.05 -21.08
N THR B 26 -11.27 35.39 -22.00
CA THR B 26 -12.71 35.26 -21.88
C THR B 26 -13.11 34.88 -20.45
N THR B 27 -12.51 33.80 -19.92
CA THR B 27 -13.01 33.15 -18.71
C THR B 27 -12.04 33.22 -17.52
N TRP B 28 -10.91 33.91 -17.71
CA TRP B 28 -9.87 34.02 -16.69
C TRP B 28 -10.34 34.67 -15.40
N HIS B 29 -10.20 33.96 -14.29
CA HIS B 29 -10.48 34.55 -12.98
C HIS B 29 -9.41 34.12 -12.01
N LYS B 30 -9.39 34.73 -10.85
CA LYS B 30 -8.48 34.35 -9.81
C LYS B 30 -9.35 33.79 -8.72
N ASP B 31 -9.39 32.46 -8.59
CA ASP B 31 -10.26 31.83 -7.59
C ASP B 31 -9.64 32.00 -6.18
N PRO B 32 -10.42 32.55 -5.23
CA PRO B 32 -9.69 32.80 -3.98
C PRO B 32 -9.50 31.56 -3.08
N GLU B 33 -10.24 30.48 -3.34
CA GLU B 33 -10.15 29.28 -2.47
C GLU B 33 -9.43 28.13 -3.17
N HIS B 34 -8.40 28.47 -3.95
CA HIS B 34 -7.55 27.46 -4.62
C HIS B 34 -6.80 26.64 -3.56
N PRO B 35 -6.54 25.34 -3.83
CA PRO B 35 -6.05 24.42 -2.80
C PRO B 35 -4.53 24.41 -2.62
N TYR B 36 -3.80 25.20 -3.42
CA TYR B 36 -2.35 25.04 -3.63
C TYR B 36 -1.54 25.58 -2.49
N ARG B 37 -0.65 24.75 -2.00
CA ARG B 37 0.03 25.08 -0.76
C ARG B 37 1.48 25.50 -1.00
N THR B 38 2.20 24.78 -1.88
CA THR B 38 3.63 25.01 -2.14
C THR B 38 3.85 25.52 -3.56
N TRP B 39 2.76 25.75 -4.28
CA TRP B 39 2.80 26.29 -5.62
C TRP B 39 2.14 27.68 -5.65
N THR B 40 2.73 28.57 -6.45
CA THR B 40 2.11 29.88 -6.64
C THR B 40 0.94 29.78 -7.62
N TYR B 41 -0.20 30.28 -7.19
CA TYR B 41 -1.39 30.24 -8.00
C TYR B 41 -1.55 31.54 -8.77
N HIS B 42 -1.85 31.48 -10.06
CA HIS B 42 -1.97 32.71 -10.89
C HIS B 42 -3.36 33.05 -11.32
N GLY B 43 -4.15 32.02 -11.57
CA GLY B 43 -5.51 32.17 -12.07
C GLY B 43 -6.07 30.88 -12.63
N SER B 44 -7.31 30.93 -13.08
CA SER B 44 -8.00 29.80 -13.64
C SER B 44 -8.86 30.21 -14.84
N TYR B 45 -9.28 29.21 -15.63
CA TYR B 45 -10.19 29.45 -16.74
C TYR B 45 -11.03 28.22 -16.96
N GLU B 46 -12.07 28.33 -17.77
CA GLU B 46 -12.98 27.23 -17.97
C GLU B 46 -12.51 26.31 -19.07
N VAL B 47 -12.67 25.01 -18.83
CA VAL B 47 -12.36 23.99 -19.85
C VAL B 47 -13.33 22.87 -19.75
N LYS B 48 -13.38 22.07 -20.82
CA LYS B 48 -14.04 20.78 -20.85
C LYS B 48 -13.20 19.74 -20.10
N ALA B 49 -13.87 18.99 -19.20
CA ALA B 49 -13.27 17.91 -18.39
C ALA B 49 -12.84 16.70 -19.23
N THR B 50 -11.63 16.18 -18.94
CA THR B 50 -11.14 14.88 -19.47
C THR B 50 -11.56 13.72 -18.55
N GLY B 51 -11.23 12.49 -18.95
CA GLY B 51 -11.52 11.31 -18.13
C GLY B 51 -11.94 10.10 -18.94
N LEU B 56 -12.67 -0.59 -21.10
CA LEU B 56 -11.67 -0.95 -22.10
C LEU B 56 -11.05 -2.37 -21.89
N VAL B 57 -11.78 -3.43 -22.28
CA VAL B 57 -11.34 -4.82 -22.06
C VAL B 57 -10.84 -5.58 -23.33
N ASN B 58 -9.68 -6.21 -23.27
CA ASN B 58 -9.23 -7.05 -24.40
C ASN B 58 -10.03 -8.36 -24.43
N GLY B 59 -10.97 -8.47 -25.36
CA GLY B 59 -11.90 -9.61 -25.45
C GLY B 59 -11.21 -10.93 -25.69
N VAL B 60 -10.09 -10.89 -26.40
CA VAL B 60 -9.32 -12.09 -26.66
C VAL B 60 -8.69 -12.62 -25.41
N VAL B 61 -7.99 -11.74 -24.69
CA VAL B 61 -7.29 -12.21 -23.49
C VAL B 61 -8.31 -12.61 -22.41
N LYS B 62 -9.33 -11.77 -22.20
CA LYS B 62 -10.45 -12.10 -21.35
C LYS B 62 -10.95 -13.51 -21.65
N LEU B 63 -11.31 -13.79 -22.91
CA LEU B 63 -11.83 -15.11 -23.27
C LEU B 63 -10.86 -16.24 -22.94
N MET B 64 -9.58 -15.94 -22.99
CA MET B 64 -8.55 -16.90 -22.79
C MET B 64 -8.18 -16.96 -21.29
N SER B 65 -8.80 -16.12 -20.45
CA SER B 65 -8.36 -16.12 -19.04
C SER B 65 -9.47 -16.28 -18.00
N LYS B 66 -10.40 -17.18 -18.29
CA LYS B 66 -11.62 -17.40 -17.51
C LYS B 66 -11.43 -17.55 -16.01
N PRO B 67 -10.46 -18.39 -15.57
CA PRO B 67 -10.22 -18.51 -14.13
C PRO B 67 -9.91 -17.19 -13.46
N TRP B 68 -9.32 -16.26 -14.20
CA TRP B 68 -8.87 -15.03 -13.58
C TRP B 68 -10.02 -14.05 -13.36
N ASP B 69 -11.23 -14.43 -13.76
CA ASP B 69 -12.44 -13.63 -13.42
C ASP B 69 -12.76 -13.68 -11.93
N ALA B 70 -12.23 -14.67 -11.25
CA ALA B 70 -12.38 -14.84 -9.82
C ALA B 70 -11.33 -14.10 -8.96
N ILE B 71 -10.36 -13.46 -9.61
CA ILE B 71 -9.21 -12.85 -8.95
C ILE B 71 -9.32 -11.30 -8.97
N ALA B 72 -9.54 -10.68 -7.81
CA ALA B 72 -9.63 -9.20 -7.70
C ALA B 72 -8.41 -8.43 -8.23
N ASN B 73 -7.21 -8.94 -8.00
CA ASN B 73 -6.03 -8.23 -8.56
C ASN B 73 -6.11 -8.05 -10.07
N VAL B 74 -6.77 -8.98 -10.76
CA VAL B 74 -6.95 -8.93 -12.19
C VAL B 74 -8.16 -8.10 -12.57
N THR B 75 -9.31 -8.40 -11.97
CA THR B 75 -10.56 -7.77 -12.45
C THR B 75 -10.73 -6.31 -12.13
N THR B 76 -10.11 -5.85 -11.04
CA THR B 76 -10.24 -4.47 -10.61
C THR B 76 -9.15 -3.54 -11.18
N MET B 77 -8.22 -4.11 -11.93
CA MET B 77 -7.06 -3.33 -12.28
C MET B 77 -7.41 -2.10 -13.11
N ALA B 78 -6.90 -0.94 -12.73
CA ALA B 78 -6.95 0.24 -13.61
C ALA B 78 -5.57 0.96 -13.68
N MET B 79 -5.25 1.51 -14.83
CA MET B 79 -3.98 2.19 -15.05
C MET B 79 -3.95 3.65 -14.57
N THR B 80 -4.99 4.42 -14.93
CA THR B 80 -4.88 5.86 -14.91
C THR B 80 -6.21 6.49 -14.62
N ASP B 81 -6.14 7.72 -14.09
CA ASP B 81 -7.32 8.48 -13.81
C ASP B 81 -7.03 9.89 -14.31
N THR B 82 -7.62 10.24 -15.44
CA THR B 82 -7.35 11.52 -16.05
C THR B 82 -8.47 12.48 -15.77
N THR B 83 -9.44 12.10 -14.91
CA THR B 83 -10.45 13.05 -14.46
C THR B 83 -9.85 14.20 -13.62
N PRO B 84 -10.55 15.36 -13.56
CA PRO B 84 -10.04 16.47 -12.77
C PRO B 84 -9.92 16.10 -11.31
N PHE B 85 -10.80 15.21 -10.84
CA PHE B 85 -10.69 14.70 -9.48
C PHE B 85 -9.34 14.00 -9.28
N GLY B 86 -8.94 13.17 -10.24
CA GLY B 86 -7.77 12.31 -10.14
C GLY B 86 -6.51 13.16 -10.29
N GLN B 87 -6.61 14.20 -11.10
CA GLN B 87 -5.54 15.19 -11.22
C GLN B 87 -5.31 15.88 -9.84
N GLN B 88 -6.39 16.30 -9.20
CA GLN B 88 -6.31 17.05 -7.98
C GLN B 88 -5.79 16.16 -6.89
N ARG B 89 -6.26 14.88 -6.80
CA ARG B 89 -5.75 13.97 -5.79
C ARG B 89 -4.23 13.77 -5.94
N VAL B 90 -3.77 13.48 -7.16
CA VAL B 90 -2.37 13.15 -7.30
C VAL B 90 -1.53 14.43 -7.16
N PHE B 91 -2.09 15.56 -7.59
CA PHE B 91 -1.41 16.81 -7.35
C PHE B 91 -1.16 17.08 -5.88
N LYS B 92 -2.22 17.02 -5.08
CA LYS B 92 -2.11 17.28 -3.65
C LYS B 92 -1.19 16.25 -2.92
N GLU B 93 -1.34 14.95 -3.20
CA GLU B 93 -0.56 13.96 -2.50
C GLU B 93 0.90 13.97 -2.92
N LYS B 94 1.16 14.21 -4.20
CA LYS B 94 2.50 13.96 -4.77
C LYS B 94 3.26 15.18 -5.29
N VAL B 95 2.57 16.19 -5.81
CA VAL B 95 3.26 17.32 -6.46
C VAL B 95 3.26 18.57 -5.56
N ASP B 96 2.19 18.78 -4.83
CA ASP B 96 2.10 19.90 -3.91
C ASP B 96 2.85 19.66 -2.58
N THR B 97 4.07 19.13 -2.69
CA THR B 97 4.96 18.96 -1.54
C THR B 97 6.30 19.55 -1.86
N LYS B 98 7.12 19.72 -0.82
CA LYS B 98 8.44 20.23 -0.99
C LYS B 98 9.40 19.43 -0.09
N ALA B 99 10.46 18.92 -0.70
CA ALA B 99 11.53 18.25 0.02
C ALA B 99 12.46 19.31 0.64
N PRO B 100 12.79 19.11 1.92
CA PRO B 100 13.71 20.05 2.55
C PRO B 100 15.11 19.94 1.93
N GLU B 101 15.79 21.08 1.79
CA GLU B 101 17.19 21.03 1.43
C GLU B 101 18.06 20.31 2.46
N PRO B 102 19.08 19.61 1.98
CA PRO B 102 20.02 18.95 2.87
C PRO B 102 21.00 19.97 3.48
N PRO B 103 21.49 19.70 4.69
CA PRO B 103 22.42 20.61 5.38
C PRO B 103 23.79 20.66 4.73
N ALA B 104 24.61 21.60 5.18
CA ALA B 104 25.82 21.98 4.44
C ALA B 104 26.83 20.84 4.23
N GLY B 105 27.01 19.99 5.25
CA GLY B 105 27.97 18.88 5.15
C GLY B 105 27.56 17.92 4.06
N VAL B 106 26.29 17.53 4.13
CA VAL B 106 25.70 16.64 3.11
C VAL B 106 25.91 17.23 1.69
N ARG B 107 25.54 18.50 1.50
CA ARG B 107 25.79 19.26 0.26
C ARG B 107 27.23 19.19 -0.19
N GLU B 108 28.17 19.26 0.75
CA GLU B 108 29.58 19.17 0.42
C GLU B 108 29.96 17.78 -0.11
N VAL B 109 29.45 16.73 0.54
CA VAL B 109 29.73 15.37 0.12
C VAL B 109 29.14 15.07 -1.27
N LEU B 110 27.90 15.55 -1.50
CA LEU B 110 27.23 15.40 -2.79
C LEU B 110 27.97 16.16 -3.87
N ASN B 111 28.43 17.36 -3.53
CA ASN B 111 29.17 18.16 -4.48
C ASN B 111 30.36 17.33 -5.04
N GLU B 112 31.18 16.82 -4.13
CA GLU B 112 32.36 16.02 -4.50
C GLU B 112 31.94 14.82 -5.30
N THR B 113 30.93 14.12 -4.81
CA THR B 113 30.54 12.86 -5.36
C THR B 113 30.06 13.05 -6.81
N THR B 114 29.26 14.06 -7.04
CA THR B 114 28.73 14.31 -8.37
C THR B 114 29.80 14.87 -9.32
N ASN B 115 30.81 15.58 -8.78
CA ASN B 115 31.94 15.93 -9.62
C ASN B 115 32.57 14.68 -10.11
N TRP B 116 32.74 13.74 -9.20
CA TRP B 116 33.44 12.53 -9.58
C TRP B 116 32.60 11.79 -10.62
N LEU B 117 31.29 11.66 -10.37
CA LEU B 117 30.43 10.92 -11.30
C LEU B 117 30.39 11.62 -12.68
N TRP B 118 30.34 12.95 -12.71
CA TRP B 118 30.35 13.65 -14.02
C TRP B 118 31.69 13.39 -14.76
N ALA B 119 32.80 13.46 -14.03
CA ALA B 119 34.12 13.24 -14.65
C ALA B 119 34.13 11.86 -15.22
N HIS B 120 33.48 10.91 -14.55
CA HIS B 120 33.53 9.54 -14.97
C HIS B 120 32.66 9.34 -16.24
N LEU B 121 31.42 9.79 -16.16
CA LEU B 121 30.45 9.62 -17.24
C LEU B 121 30.95 10.26 -18.55
N SER B 122 31.71 11.34 -18.45
CA SER B 122 32.22 12.07 -19.61
C SER B 122 33.68 11.72 -19.95
N ARG B 123 34.14 10.56 -19.52
CA ARG B 123 35.55 10.25 -19.75
C ARG B 123 35.91 9.98 -21.23
N GLU B 124 35.01 9.37 -22.00
CA GLU B 124 35.26 9.07 -23.41
C GLU B 124 34.10 9.58 -24.29
N LYS B 125 32.84 9.40 -23.87
CA LYS B 125 31.70 10.10 -24.52
C LYS B 125 31.83 11.63 -24.47
N ARG B 126 31.44 12.28 -25.56
CA ARG B 126 31.46 13.74 -25.67
C ARG B 126 30.05 14.23 -26.01
N PRO B 127 29.54 15.26 -25.28
CA PRO B 127 28.20 15.77 -25.53
C PRO B 127 28.09 16.31 -26.95
N ARG B 128 26.87 16.24 -27.51
CA ARG B 128 26.57 16.75 -28.87
C ARG B 128 25.08 17.06 -28.98
N LEU B 129 24.72 17.91 -29.94
CA LEU B 129 23.31 18.26 -30.13
C LEU B 129 22.58 17.08 -30.72
N CYS B 130 21.32 16.91 -30.32
CA CYS B 130 20.43 16.04 -31.08
C CYS B 130 19.69 16.90 -32.08
N THR B 131 19.19 16.28 -33.15
CA THR B 131 18.74 17.03 -34.29
C THR B 131 17.27 16.79 -34.60
N LYS B 132 16.75 17.63 -35.48
CA LYS B 132 15.42 17.52 -36.01
C LYS B 132 15.17 16.13 -36.59
N GLU B 133 16.10 15.64 -37.42
CA GLU B 133 15.91 14.35 -38.12
C GLU B 133 15.91 13.19 -37.15
N GLU B 134 16.79 13.24 -36.15
CA GLU B 134 16.82 12.30 -35.05
C GLU B 134 15.43 12.27 -34.33
N PHE B 135 14.94 13.44 -33.98
CA PHE B 135 13.66 13.55 -33.33
C PHE B 135 12.56 12.92 -34.22
N ILE B 136 12.51 13.33 -35.48
CA ILE B 136 11.51 12.78 -36.38
C ILE B 136 11.59 11.25 -36.41
N LYS B 137 12.80 10.73 -36.52
CA LYS B 137 13.03 9.30 -36.54
C LYS B 137 12.52 8.63 -35.26
N LYS B 138 12.73 9.28 -34.11
CA LYS B 138 12.26 8.79 -32.82
C LYS B 138 10.73 8.81 -32.72
N VAL B 139 10.11 9.92 -33.15
CA VAL B 139 8.64 10.04 -33.21
C VAL B 139 7.97 8.97 -34.09
N ASN B 140 8.63 8.66 -35.21
CA ASN B 140 8.07 7.72 -36.20
C ASN B 140 8.26 6.23 -35.88
N SER B 141 8.19 5.85 -34.61
CA SER B 141 8.54 4.49 -34.22
C SER B 141 7.98 4.13 -32.88
N ASN B 142 8.41 2.98 -32.33
CA ASN B 142 8.06 2.54 -30.98
C ASN B 142 8.38 3.60 -29.87
N ALA B 143 8.46 4.86 -30.33
CA ALA B 143 7.99 6.06 -29.60
C ALA B 143 9.00 6.97 -28.89
N ALA B 144 8.54 8.20 -28.64
CA ALA B 144 9.15 9.11 -27.65
C ALA B 144 8.85 8.52 -26.26
N LEU B 145 9.13 7.21 -26.15
CA LEU B 145 8.60 6.29 -25.13
C LEU B 145 8.46 6.78 -23.68
N GLY B 146 7.36 7.49 -23.39
CA GLY B 146 7.04 7.87 -22.00
C GLY B 146 7.33 9.32 -21.61
N ALA B 147 8.21 10.00 -22.34
CA ALA B 147 8.27 11.45 -22.29
C ALA B 147 6.96 11.82 -22.98
N VAL B 148 5.88 11.67 -22.21
CA VAL B 148 4.54 11.73 -22.75
C VAL B 148 4.24 13.08 -23.46
N PHE B 149 3.62 12.92 -24.61
CA PHE B 149 3.98 13.69 -25.80
C PHE B 149 3.19 14.98 -25.96
N ALA B 150 1.91 14.89 -25.65
CA ALA B 150 0.95 15.40 -26.58
C ALA B 150 0.03 16.57 -26.21
N GLU B 151 0.60 17.75 -26.29
CA GLU B 151 -0.03 18.72 -27.12
C GLU B 151 0.86 18.68 -28.38
N GLN B 152 0.29 18.13 -29.45
CA GLN B 152 0.60 18.55 -30.80
C GLN B 152 -0.81 18.97 -31.37
N ASN B 153 -1.45 19.92 -30.69
CA ASN B 153 -2.90 20.19 -30.86
C ASN B 153 -3.34 21.13 -31.98
N GLN B 154 -3.32 20.57 -33.18
CA GLN B 154 -4.07 21.00 -34.36
C GLN B 154 -3.73 19.99 -35.47
N TRP B 155 -2.67 19.22 -35.20
CA TRP B 155 -2.27 18.10 -36.06
C TRP B 155 -2.90 16.72 -35.65
N SER B 156 -3.06 16.48 -34.34
CA SER B 156 -3.75 15.29 -33.80
C SER B 156 -2.83 14.11 -33.47
N THR B 157 -1.84 13.91 -34.33
CA THR B 157 -0.74 12.97 -34.08
C THR B 157 0.58 13.70 -34.27
N ALA B 158 1.63 13.14 -33.68
CA ALA B 158 2.96 13.75 -33.69
C ALA B 158 3.66 13.66 -35.07
N ARG B 159 3.52 12.48 -35.70
CA ARG B 159 3.92 12.22 -37.11
C ARG B 159 3.61 13.33 -38.16
N GLU B 160 2.37 13.84 -38.19
CA GLU B 160 2.05 14.84 -39.22
C GLU B 160 2.49 16.22 -38.77
N ALA B 161 2.49 16.43 -37.44
CA ALA B 161 3.10 17.61 -36.81
C ALA B 161 4.58 17.81 -37.25
N VAL B 162 5.42 16.80 -37.04
CA VAL B 162 6.84 16.91 -37.46
C VAL B 162 7.02 16.97 -38.99
N ASN B 163 6.00 16.49 -39.71
CA ASN B 163 5.98 16.49 -41.19
C ASN B 163 5.67 17.88 -41.76
N ASP B 164 5.12 18.75 -40.92
CA ASP B 164 4.71 20.09 -41.31
C ASP B 164 5.76 21.14 -40.94
N PRO B 165 6.27 21.89 -41.93
CA PRO B 165 7.20 22.99 -41.77
C PRO B 165 6.75 24.09 -40.79
N ARG B 166 5.44 24.18 -40.57
CA ARG B 166 4.82 25.17 -39.70
C ARG B 166 5.16 24.88 -38.23
N PHE B 167 5.04 23.62 -37.86
CA PHE B 167 5.58 23.12 -36.59
C PHE B 167 7.02 23.60 -36.36
N TRP B 168 7.87 23.34 -37.32
CA TRP B 168 9.28 23.64 -37.13
C TRP B 168 9.54 25.13 -37.08
N GLU B 169 8.62 25.91 -37.64
CA GLU B 169 8.75 27.35 -37.56
C GLU B 169 8.48 27.85 -36.16
N MET B 170 7.49 27.23 -35.51
CA MET B 170 7.14 27.51 -34.12
C MET B 170 8.30 27.10 -33.20
N VAL B 171 8.78 25.87 -33.38
CA VAL B 171 10.01 25.43 -32.72
C VAL B 171 11.12 26.46 -32.87
N ASP B 172 11.47 26.80 -34.11
CA ASP B 172 12.59 27.71 -34.32
C ASP B 172 12.36 29.05 -33.62
N GLU B 173 11.11 29.49 -33.57
CA GLU B 173 10.80 30.71 -32.89
C GLU B 173 11.10 30.62 -31.36
N GLU B 174 10.64 29.55 -30.74
CA GLU B 174 10.87 29.35 -29.32
C GLU B 174 12.35 29.12 -29.00
N ARG B 175 13.04 28.43 -29.92
CA ARG B 175 14.48 28.27 -29.89
C ARG B 175 15.14 29.64 -29.78
N GLU B 176 14.68 30.54 -30.65
CA GLU B 176 15.15 31.91 -30.64
C GLU B 176 14.92 32.58 -29.30
N ASN B 177 13.73 32.41 -28.76
CA ASN B 177 13.45 32.90 -27.40
C ASN B 177 14.44 32.33 -26.37
N HIS B 178 14.72 31.03 -26.47
CA HIS B 178 15.63 30.36 -25.56
C HIS B 178 17.01 30.98 -25.67
N LEU B 179 17.50 31.10 -26.90
CA LEU B 179 18.81 31.71 -27.16
C LEU B 179 18.86 33.13 -26.65
N ARG B 180 17.68 33.75 -26.52
CA ARG B 180 17.56 35.10 -25.99
C ARG B 180 17.37 35.18 -24.47
N GLY B 181 17.51 34.04 -23.78
CA GLY B 181 17.30 33.99 -22.34
C GLY B 181 15.84 33.96 -21.90
N GLU B 182 14.91 33.64 -22.81
CA GLU B 182 13.45 33.69 -22.53
C GLU B 182 12.70 32.42 -22.98
N CYS B 183 11.58 32.14 -22.30
CA CYS B 183 10.73 31.01 -22.62
C CYS B 183 9.28 31.44 -22.61
N HIS B 184 8.60 31.12 -23.70
CA HIS B 184 7.28 31.62 -24.01
C HIS B 184 6.18 30.54 -24.00
N THR B 185 6.54 29.32 -24.39
CA THR B 185 5.55 28.30 -24.67
C THR B 185 5.78 26.97 -23.92
N CYS B 186 6.83 26.88 -23.13
CA CYS B 186 7.23 25.59 -22.65
C CYS B 186 6.60 25.34 -21.30
N ILE B 187 5.41 24.71 -21.30
CA ILE B 187 4.57 24.66 -20.11
C ILE B 187 4.10 23.24 -19.77
N TYR B 188 4.12 22.89 -18.49
CA TYR B 188 3.71 21.54 -18.09
C TYR B 188 2.19 21.41 -17.99
N ASN B 189 1.63 20.36 -18.56
CA ASN B 189 0.29 19.97 -18.24
C ASN B 189 0.26 18.65 -17.47
N MET B 190 -0.38 18.65 -16.32
CA MET B 190 -0.47 17.48 -15.49
C MET B 190 -1.75 16.82 -15.89
N MET B 191 -1.65 15.79 -16.73
CA MET B 191 -2.77 15.22 -17.45
C MET B 191 -3.61 14.33 -16.56
N GLY B 192 -2.97 13.67 -15.61
CA GLY B 192 -3.67 12.76 -14.72
C GLY B 192 -2.80 11.96 -13.75
N LYS B 193 -3.39 10.88 -13.27
CA LYS B 193 -2.81 10.05 -12.24
C LYS B 193 -2.54 8.63 -12.75
N ARG B 194 -1.30 8.16 -12.59
CA ARG B 194 -0.97 6.74 -12.78
C ARG B 194 -1.22 6.09 -11.42
N GLU B 195 -2.11 5.09 -11.42
CA GLU B 195 -2.53 4.45 -10.13
C GLU B 195 -1.39 3.66 -9.49
N LYS B 196 -1.49 3.41 -8.21
CA LYS B 196 -0.56 2.52 -7.48
C LYS B 196 -0.44 1.22 -8.25
N LYS B 197 0.81 0.79 -8.42
CA LYS B 197 1.13 -0.54 -8.97
C LYS B 197 1.36 -1.51 -7.79
N PRO B 198 1.16 -2.82 -8.04
CA PRO B 198 1.30 -3.81 -6.99
C PRO B 198 2.74 -4.09 -6.64
N GLY B 199 2.97 -4.53 -5.41
CA GLY B 199 4.33 -4.89 -4.99
C GLY B 199 4.38 -5.38 -3.56
N GLU B 200 5.48 -6.05 -3.24
CA GLU B 200 5.78 -6.41 -1.85
C GLU B 200 6.21 -5.15 -1.11
N PHE B 201 6.11 -5.19 0.23
CA PHE B 201 6.40 -4.03 1.11
C PHE B 201 7.80 -3.54 0.79
N GLY B 202 7.96 -2.25 0.50
CA GLY B 202 9.26 -1.69 0.14
C GLY B 202 9.47 -1.55 -1.34
N LYS B 203 8.57 -2.17 -2.13
CA LYS B 203 8.70 -2.24 -3.60
C LYS B 203 7.56 -1.63 -4.43
N ALA B 204 6.31 -1.79 -3.96
CA ALA B 204 5.13 -1.17 -4.58
C ALA B 204 5.37 0.28 -4.98
N LYS B 205 4.96 0.65 -6.19
CA LYS B 205 5.06 2.05 -6.62
C LYS B 205 3.77 2.75 -6.19
N GLY B 206 3.88 3.93 -5.60
CA GLY B 206 2.70 4.71 -5.32
C GLY B 206 2.20 5.38 -6.61
N SER B 207 1.12 6.13 -6.49
CA SER B 207 0.56 6.81 -7.64
C SER B 207 1.54 7.88 -8.07
N ARG B 208 1.53 8.15 -9.37
CA ARG B 208 2.45 9.09 -9.96
C ARG B 208 1.73 10.04 -10.93
N ALA B 209 2.27 11.25 -11.08
CA ALA B 209 1.66 12.23 -11.94
C ALA B 209 2.01 11.94 -13.41
N ILE B 210 1.11 12.23 -14.32
CA ILE B 210 1.40 12.09 -15.72
C ILE B 210 1.50 13.46 -16.34
N TRP B 211 2.68 13.75 -16.88
CA TRP B 211 3.01 15.04 -17.43
C TRP B 211 3.06 15.04 -18.96
N PHE B 212 2.49 16.07 -19.57
CA PHE B 212 2.59 16.31 -20.99
C PHE B 212 3.20 17.72 -21.19
N MET B 213 3.89 17.93 -22.30
CA MET B 213 4.23 19.27 -22.78
C MET B 213 3.86 19.35 -24.28
N TRP B 214 3.84 20.55 -24.84
CA TRP B 214 3.80 20.68 -26.29
C TRP B 214 5.01 19.95 -26.92
N LEU B 215 4.76 19.25 -28.02
CA LEU B 215 5.79 18.54 -28.80
C LEU B 215 7.03 19.40 -29.09
N GLY B 216 6.80 20.71 -29.26
CA GLY B 216 7.88 21.64 -29.52
C GLY B 216 8.82 21.80 -28.34
N ALA B 217 8.28 21.73 -27.14
CA ALA B 217 9.09 21.84 -25.94
C ALA B 217 9.93 20.55 -25.79
N ARG B 218 9.33 19.42 -26.15
CA ARG B 218 10.03 18.15 -26.09
C ARG B 218 11.15 18.17 -27.06
N TYR B 219 10.90 18.74 -28.26
CA TYR B 219 11.98 18.81 -29.25
C TYR B 219 13.15 19.61 -28.63
N LEU B 220 12.86 20.78 -28.08
CA LEU B 220 13.94 21.64 -27.60
C LEU B 220 14.75 21.02 -26.46
N GLU B 221 14.05 20.27 -25.60
CA GLU B 221 14.69 19.54 -24.50
C GLU B 221 15.62 18.49 -25.09
N PHE B 222 15.12 17.80 -26.10
CA PHE B 222 15.75 16.68 -26.73
C PHE B 222 17.00 17.16 -27.43
N GLU B 223 16.88 18.31 -28.08
CA GLU B 223 18.00 18.85 -28.80
C GLU B 223 19.12 19.18 -27.82
N ALA B 224 18.76 19.79 -26.69
CA ALA B 224 19.78 20.32 -25.79
C ALA B 224 20.42 19.25 -24.85
N LEU B 225 19.65 18.23 -24.46
CA LEU B 225 20.13 17.26 -23.46
C LEU B 225 19.85 15.84 -23.83
N GLY B 226 19.24 15.63 -24.98
CA GLY B 226 18.94 14.27 -25.45
C GLY B 226 20.14 13.37 -25.66
N PHE B 227 21.31 13.93 -25.87
CA PHE B 227 22.50 13.11 -26.00
C PHE B 227 22.68 12.14 -24.81
N LEU B 228 22.24 12.55 -23.60
CA LEU B 228 22.33 11.68 -22.39
C LEU B 228 21.67 10.33 -22.60
N ASN B 229 20.55 10.35 -23.34
CA ASN B 229 19.85 9.13 -23.72
C ASN B 229 20.35 8.53 -25.03
N GLU B 230 20.42 9.38 -26.05
CA GLU B 230 20.72 8.90 -27.40
C GLU B 230 22.12 8.28 -27.50
N ASP B 231 23.06 8.79 -26.71
CA ASP B 231 24.45 8.22 -26.70
C ASP B 231 24.70 7.34 -25.47
N HIS B 232 23.61 6.97 -24.80
CA HIS B 232 23.64 5.95 -23.78
C HIS B 232 24.66 6.31 -22.67
N TRP B 233 24.59 7.52 -22.16
CA TRP B 233 25.43 7.90 -21.05
C TRP B 233 25.23 7.03 -19.79
N LEU B 234 24.06 6.38 -19.63
CA LEU B 234 23.80 5.55 -18.46
C LEU B 234 23.82 4.05 -18.71
N SER B 235 24.39 3.65 -19.84
CA SER B 235 24.72 2.25 -20.10
C SER B 235 25.64 1.75 -18.99
N ARG B 236 25.66 0.43 -18.78
CA ARG B 236 26.55 -0.17 -17.81
C ARG B 236 27.98 0.14 -18.18
N GLU B 237 28.27 0.00 -19.48
CA GLU B 237 29.62 0.23 -20.02
C GLU B 237 30.13 1.61 -19.61
N ASN B 238 29.30 2.64 -19.80
CA ASN B 238 29.75 4.01 -19.51
C ASN B 238 29.63 4.37 -18.03
N SER B 239 28.55 3.95 -17.37
CA SER B 239 28.32 4.41 -16.01
C SER B 239 28.77 3.45 -14.88
N GLY B 240 28.96 2.19 -15.24
CA GLY B 240 29.39 1.18 -14.30
C GLY B 240 28.22 0.61 -13.52
N GLY B 241 27.47 1.45 -12.81
CA GLY B 241 26.28 0.96 -12.09
C GLY B 241 24.99 1.04 -12.84
N GLY B 242 24.94 1.74 -13.97
CA GLY B 242 23.69 1.87 -14.72
C GLY B 242 23.38 0.61 -15.52
N VAL B 243 22.18 0.53 -16.09
CA VAL B 243 21.86 -0.58 -16.96
C VAL B 243 21.12 -0.12 -18.20
N GLU B 244 21.26 1.15 -18.55
CA GLU B 244 20.46 1.68 -19.66
C GLU B 244 20.82 0.94 -20.94
N GLY B 245 19.80 0.53 -21.67
CA GLY B 245 20.05 -0.15 -22.95
C GLY B 245 19.80 -1.64 -22.84
N SER B 246 19.86 -2.17 -21.62
CA SER B 246 19.59 -3.58 -21.42
C SER B 246 18.12 -3.94 -21.43
N GLY B 247 17.79 -5.06 -22.07
CA GLY B 247 16.52 -5.74 -21.95
C GLY B 247 16.42 -6.33 -20.56
N VAL B 248 15.18 -6.49 -20.06
CA VAL B 248 14.92 -7.09 -18.76
C VAL B 248 15.57 -8.46 -18.67
N GLN B 249 15.76 -9.13 -19.81
CA GLN B 249 16.33 -10.46 -19.86
C GLN B 249 17.85 -10.52 -19.57
N LYS B 250 18.55 -9.40 -19.67
CA LYS B 250 19.92 -9.24 -19.22
C LYS B 250 20.06 -9.02 -17.68
N LEU B 251 18.99 -8.56 -17.02
CA LEU B 251 19.12 -7.96 -15.67
C LEU B 251 19.41 -8.94 -14.55
N GLY B 252 18.81 -10.12 -14.63
CA GLY B 252 19.15 -11.20 -13.69
C GLY B 252 20.62 -11.53 -13.73
N TYR B 253 21.16 -11.68 -14.97
CA TYR B 253 22.56 -12.03 -15.15
C TYR B 253 23.40 -10.94 -14.55
N ILE B 254 22.99 -9.70 -14.75
CA ILE B 254 23.73 -8.58 -14.18
C ILE B 254 23.73 -8.67 -12.65
N LEU B 255 22.57 -8.94 -12.05
CA LEU B 255 22.52 -9.10 -10.59
C LEU B 255 23.38 -10.26 -10.11
N ARG B 256 23.46 -11.33 -10.89
CA ARG B 256 24.13 -12.51 -10.47
C ARG B 256 25.60 -12.25 -10.53
N ASP B 257 26.05 -11.48 -11.53
CA ASP B 257 27.44 -10.98 -11.50
C ASP B 257 27.77 -10.11 -10.25
N ILE B 258 26.92 -9.13 -9.97
CA ILE B 258 27.12 -8.38 -8.75
C ILE B 258 27.24 -9.34 -7.56
N ALA B 259 26.35 -10.33 -7.48
CA ALA B 259 26.36 -11.28 -6.37
C ALA B 259 27.70 -12.09 -6.31
N GLY B 260 28.34 -12.28 -7.45
CA GLY B 260 29.61 -13.01 -7.54
C GLY B 260 30.79 -12.31 -6.87
N LYS B 261 30.67 -11.04 -6.57
CA LYS B 261 31.73 -10.31 -5.93
C LYS B 261 31.69 -10.62 -4.43
N GLN B 262 32.82 -10.39 -3.77
CA GLN B 262 32.92 -10.50 -2.35
C GLN B 262 32.23 -9.30 -1.72
N GLY B 263 31.34 -9.54 -0.76
CA GLY B 263 30.77 -8.44 0.02
C GLY B 263 29.75 -8.86 1.04
N GLY B 264 29.01 -7.90 1.58
CA GLY B 264 27.89 -8.23 2.48
C GLY B 264 26.71 -8.79 1.69
N LYS B 265 25.52 -8.60 2.25
CA LYS B 265 24.28 -8.96 1.53
C LYS B 265 24.00 -8.00 0.41
N MET B 266 23.03 -8.34 -0.42
CA MET B 266 22.51 -7.40 -1.42
C MET B 266 21.29 -6.62 -0.93
N TYR B 267 21.31 -5.32 -1.16
CA TYR B 267 20.28 -4.41 -0.72
C TYR B 267 19.56 -3.81 -1.90
N ALA B 268 18.25 -3.60 -1.77
CA ALA B 268 17.44 -2.98 -2.82
C ALA B 268 16.36 -2.10 -2.22
N ASP B 269 16.76 -1.03 -1.54
CA ASP B 269 15.80 -0.16 -0.87
C ASP B 269 15.23 0.80 -1.91
N ASP B 270 13.91 0.90 -1.99
CA ASP B 270 13.24 1.96 -2.76
C ASP B 270 13.08 3.19 -1.90
N THR B 271 13.23 4.33 -2.54
CA THR B 271 12.92 5.61 -1.96
C THR B 271 11.40 5.75 -1.97
N ALA B 272 10.86 6.24 -0.87
CA ALA B 272 9.40 6.57 -0.88
C ALA B 272 9.08 7.70 -1.86
N GLY B 273 8.55 7.39 -3.04
CA GLY B 273 8.26 8.42 -4.06
C GLY B 273 9.49 9.30 -4.45
N TRP B 274 10.43 8.72 -5.20
CA TRP B 274 11.66 9.41 -5.59
C TRP B 274 11.41 10.82 -6.17
N ASP B 275 10.35 10.96 -6.95
CA ASP B 275 10.23 12.16 -7.76
C ASP B 275 9.82 13.36 -6.88
N THR B 276 9.30 13.09 -5.69
CA THR B 276 8.86 14.14 -4.78
C THR B 276 10.03 14.45 -3.86
N ARG B 277 11.11 13.68 -3.94
CA ARG B 277 12.20 13.82 -2.99
C ARG B 277 13.51 14.32 -3.55
N ILE B 278 13.54 14.67 -4.81
CA ILE B 278 14.76 15.29 -5.31
C ILE B 278 14.79 16.76 -4.91
N THR B 279 15.95 17.22 -4.44
CA THR B 279 16.06 18.56 -3.84
C THR B 279 16.66 19.56 -4.83
N ARG B 280 16.70 20.83 -4.46
CA ARG B 280 17.38 21.81 -5.27
C ARG B 280 18.85 21.43 -5.37
N THR B 281 19.40 20.93 -4.26
CA THR B 281 20.76 20.40 -4.30
C THR B 281 20.98 19.38 -5.43
N ASP B 282 20.11 18.39 -5.53
CA ASP B 282 20.25 17.38 -6.57
C ASP B 282 20.19 18.04 -7.96
N LEU B 283 19.39 19.10 -8.09
CA LEU B 283 19.29 19.76 -9.39
C LEU B 283 20.57 20.52 -9.68
N GLU B 284 21.09 21.20 -8.68
CA GLU B 284 22.37 21.90 -8.91
C GLU B 284 23.47 20.94 -9.37
N ASN B 285 23.50 19.75 -8.76
CA ASN B 285 24.52 18.82 -9.12
C ASN B 285 24.31 18.24 -10.52
N GLU B 286 23.04 17.98 -10.86
CA GLU B 286 22.66 17.57 -12.23
C GLU B 286 22.98 18.66 -13.26
N ALA B 287 22.84 19.93 -12.88
CA ALA B 287 23.04 21.06 -13.81
C ALA B 287 24.51 21.24 -14.13
N LYS B 288 25.40 20.63 -13.34
CA LYS B 288 26.80 20.67 -13.65
C LYS B 288 27.02 20.18 -15.08
N VAL B 289 26.05 19.43 -15.61
CA VAL B 289 26.12 18.97 -17.00
C VAL B 289 26.48 20.13 -17.94
N LEU B 290 26.13 21.33 -17.52
CA LEU B 290 26.36 22.52 -18.36
C LEU B 290 27.85 22.73 -18.70
N GLU B 291 28.75 22.35 -17.79
CA GLU B 291 30.16 22.55 -18.06
C GLU B 291 30.80 21.50 -18.95
N LEU B 292 30.05 20.48 -19.35
CA LEU B 292 30.54 19.62 -20.41
C LEU B 292 30.25 20.27 -21.75
N LEU B 293 29.61 21.43 -21.72
CA LEU B 293 29.02 22.01 -22.92
C LEU B 293 29.63 23.35 -23.33
N ASP B 294 29.54 23.68 -24.60
CA ASP B 294 30.14 24.91 -25.11
C ASP B 294 29.23 25.58 -26.11
N GLY B 295 29.51 26.86 -26.36
CA GLY B 295 28.92 27.60 -27.47
C GLY B 295 27.40 27.57 -27.42
N GLU B 296 26.80 27.33 -28.57
CA GLU B 296 25.36 27.37 -28.68
C GLU B 296 24.65 26.28 -27.86
N HIS B 297 25.23 25.06 -27.91
CA HIS B 297 24.75 23.91 -27.17
C HIS B 297 24.50 24.27 -25.71
N ARG B 298 25.51 24.85 -25.09
CA ARG B 298 25.43 25.26 -23.69
C ARG B 298 24.36 26.30 -23.48
N MET B 299 24.22 27.20 -24.43
CA MET B 299 23.19 28.24 -24.37
C MET B 299 21.79 27.62 -24.31
N LEU B 300 21.54 26.72 -25.24
CA LEU B 300 20.27 26.01 -25.33
C LEU B 300 19.97 25.17 -24.07
N ALA B 301 20.95 24.35 -23.69
CA ALA B 301 20.86 23.53 -22.47
C ALA B 301 20.65 24.37 -21.22
N ARG B 302 21.37 25.48 -21.11
CA ARG B 302 21.12 26.41 -20.02
C ARG B 302 19.67 26.86 -20.01
N ALA B 303 19.12 27.19 -21.18
CA ALA B 303 17.73 27.64 -21.23
C ALA B 303 16.76 26.53 -20.76
N ILE B 304 16.89 25.33 -21.31
CA ILE B 304 16.12 24.19 -20.82
C ILE B 304 16.16 24.10 -19.26
N ILE B 305 17.37 24.11 -18.69
CA ILE B 305 17.56 23.84 -17.26
C ILE B 305 16.99 24.95 -16.38
N GLU B 306 17.39 26.18 -16.69
CA GLU B 306 17.05 27.34 -15.88
C GLU B 306 15.63 27.76 -16.13
N LEU B 307 15.15 27.54 -17.35
CA LEU B 307 13.82 27.99 -17.69
C LEU B 307 12.68 26.99 -17.57
N THR B 308 12.93 25.70 -17.85
CA THR B 308 11.83 24.72 -17.83
C THR B 308 12.01 23.66 -16.75
N TYR B 309 13.24 23.47 -16.29
CA TYR B 309 13.48 22.53 -15.19
C TYR B 309 13.35 23.22 -13.83
N ARG B 310 13.80 24.46 -13.73
CA ARG B 310 13.83 25.22 -12.47
C ARG B 310 12.53 26.06 -12.31
N HIS B 311 12.39 27.11 -13.10
CA HIS B 311 11.22 28.01 -13.02
C HIS B 311 10.03 27.56 -13.85
N LYS B 312 9.24 26.63 -13.32
CA LYS B 312 8.22 25.94 -14.10
C LYS B 312 6.88 26.60 -14.12
N VAL B 313 6.16 26.48 -15.23
CA VAL B 313 4.73 26.81 -15.25
C VAL B 313 3.91 25.56 -15.53
N VAL B 314 2.81 25.37 -14.79
CA VAL B 314 2.05 24.14 -14.83
C VAL B 314 0.59 24.41 -14.92
N LYS B 315 -0.13 23.74 -15.85
CA LYS B 315 -1.60 23.70 -15.91
C LYS B 315 -2.13 22.38 -15.30
N VAL B 316 -3.13 22.44 -14.44
CA VAL B 316 -3.79 21.23 -13.98
C VAL B 316 -5.30 21.51 -13.80
N MET B 317 -6.15 20.48 -13.96
CA MET B 317 -7.61 20.66 -13.83
C MET B 317 -8.10 20.57 -12.44
N ARG B 318 -9.23 21.23 -12.19
CA ARG B 318 -9.88 21.15 -10.90
C ARG B 318 -11.40 21.16 -11.10
N PRO B 319 -12.13 20.32 -10.35
CA PRO B 319 -13.61 20.36 -10.34
C PRO B 319 -14.11 21.69 -9.79
N ALA B 320 -15.13 22.24 -10.43
CA ALA B 320 -15.77 23.48 -9.96
C ALA B 320 -17.29 23.32 -9.84
N ALA B 321 -17.97 24.46 -9.71
CA ALA B 321 -19.34 24.57 -9.22
C ALA B 321 -20.36 23.57 -9.75
N GLU B 322 -20.76 23.72 -11.01
CA GLU B 322 -22.01 23.08 -11.48
C GLU B 322 -21.74 21.86 -12.34
N GLY B 323 -20.82 21.00 -11.92
CA GLY B 323 -20.33 19.95 -12.82
C GLY B 323 -19.50 20.62 -13.89
N LYS B 324 -18.89 21.73 -13.49
CA LYS B 324 -18.03 22.52 -14.34
C LYS B 324 -16.59 22.18 -14.01
N THR B 325 -15.68 22.47 -14.93
CA THR B 325 -14.26 22.26 -14.68
C THR B 325 -13.44 23.50 -14.97
N VAL B 326 -12.45 23.79 -14.13
CA VAL B 326 -11.48 24.84 -14.44
C VAL B 326 -10.05 24.30 -14.64
N MET B 327 -9.25 25.02 -15.40
CA MET B 327 -7.83 24.76 -15.50
C MET B 327 -7.08 25.79 -14.69
N ASP B 328 -6.26 25.35 -13.74
CA ASP B 328 -5.50 26.25 -12.88
C ASP B 328 -4.13 26.47 -13.46
N VAL B 329 -3.58 27.67 -13.28
CA VAL B 329 -2.25 27.96 -13.76
C VAL B 329 -1.41 28.33 -12.56
N ILE B 330 -0.37 27.56 -12.35
CA ILE B 330 0.49 27.67 -11.19
C ILE B 330 1.97 27.65 -11.58
N SER B 331 2.84 28.09 -10.67
CA SER B 331 4.25 28.15 -10.98
C SER B 331 5.04 27.90 -9.71
N ARG B 332 6.30 27.51 -9.89
CA ARG B 332 7.18 27.31 -8.75
C ARG B 332 8.66 27.23 -9.20
N GLU B 333 9.55 27.74 -8.36
CA GLU B 333 10.98 27.45 -8.49
C GLU B 333 11.18 26.03 -7.95
N ASP B 334 11.40 25.06 -8.85
CA ASP B 334 11.01 23.65 -8.60
C ASP B 334 12.15 22.66 -8.85
N GLN B 335 11.79 21.41 -9.27
CA GLN B 335 12.69 20.33 -9.74
C GLN B 335 11.93 19.10 -10.29
N ARG B 336 12.02 18.84 -11.59
CA ARG B 336 11.64 17.54 -12.15
C ARG B 336 10.14 17.15 -12.26
N GLY B 337 9.79 16.04 -11.58
CA GLY B 337 8.49 15.34 -11.62
C GLY B 337 8.49 14.10 -12.55
N SER B 338 9.52 14.04 -13.38
CA SER B 338 9.47 13.31 -14.65
C SER B 338 8.62 14.17 -15.45
N GLY B 339 8.09 13.61 -16.53
CA GLY B 339 7.54 14.47 -17.58
C GLY B 339 8.67 15.16 -18.32
N GLN B 340 9.94 14.91 -17.97
CA GLN B 340 11.07 15.41 -18.76
C GLN B 340 11.78 14.36 -19.63
N VAL B 341 12.25 14.78 -20.81
CA VAL B 341 13.01 13.93 -21.71
C VAL B 341 14.21 13.27 -21.00
N VAL B 342 14.87 13.98 -20.11
CA VAL B 342 15.95 13.33 -19.39
C VAL B 342 15.68 12.95 -17.96
N THR B 343 14.40 12.72 -17.63
CA THR B 343 14.06 12.32 -16.26
C THR B 343 14.71 10.98 -15.84
N TYR B 344 14.67 9.99 -16.70
CA TYR B 344 15.22 8.67 -16.34
C TYR B 344 16.77 8.73 -16.20
N ALA B 345 17.43 9.51 -17.08
CA ALA B 345 18.89 9.61 -17.07
C ALA B 345 19.34 10.34 -15.82
N LEU B 346 18.67 11.46 -15.53
CA LEU B 346 19.03 12.24 -14.37
C LEU B 346 18.68 11.51 -13.04
N ASN B 347 17.55 10.79 -13.00
CA ASN B 347 17.26 9.98 -11.78
C ASN B 347 18.39 8.98 -11.58
N THR B 348 18.84 8.35 -12.66
CA THR B 348 19.84 7.32 -12.54
C THR B 348 21.15 7.94 -11.97
N PHE B 349 21.55 9.06 -12.56
CA PHE B 349 22.75 9.81 -12.11
C PHE B 349 22.66 10.11 -10.63
N THR B 350 21.56 10.72 -10.23
CA THR B 350 21.45 11.19 -8.86
C THR B 350 21.41 10.01 -7.93
N ASN B 351 20.76 8.93 -8.32
CA ASN B 351 20.63 7.72 -7.48
C ASN B 351 21.97 6.96 -7.33
N ILE B 352 22.74 6.90 -8.41
CA ILE B 352 24.11 6.51 -8.30
C ILE B 352 24.88 7.33 -7.28
N ALA B 353 24.82 8.66 -7.39
CA ALA B 353 25.53 9.48 -6.42
C ALA B 353 25.02 9.18 -5.01
N VAL B 354 23.70 9.00 -4.88
CA VAL B 354 23.12 8.72 -3.60
C VAL B 354 23.71 7.42 -2.98
N GLN B 355 23.89 6.37 -3.81
CA GLN B 355 24.38 5.12 -3.30
C GLN B 355 25.85 5.22 -2.95
N LEU B 356 26.57 6.07 -3.70
CA LEU B 356 28.01 6.26 -3.40
C LEU B 356 28.13 6.93 -2.04
N VAL B 357 27.31 7.95 -1.79
CA VAL B 357 27.32 8.57 -0.49
C VAL B 357 27.03 7.57 0.65
N ARG B 358 25.98 6.79 0.45
CA ARG B 358 25.62 5.79 1.44
C ARG B 358 26.75 4.82 1.64
N LEU B 359 27.40 4.42 0.53
CA LEU B 359 28.60 3.56 0.66
C LEU B 359 29.70 4.16 1.56
N MET B 360 29.93 5.43 1.37
CA MET B 360 30.93 6.12 2.17
C MET B 360 30.62 6.19 3.66
N GLU B 361 29.35 6.33 3.99
CA GLU B 361 28.94 6.30 5.37
C GLU B 361 29.07 4.85 5.84
N ALA B 362 28.69 3.90 5.01
CA ALA B 362 28.86 2.50 5.39
C ALA B 362 30.34 2.09 5.59
N GLU B 363 31.25 2.76 4.92
CA GLU B 363 32.68 2.41 5.05
C GLU B 363 33.46 3.28 6.07
N GLY B 364 32.73 4.21 6.69
CA GLY B 364 33.25 4.99 7.83
C GLY B 364 33.97 6.24 7.41
N VAL B 365 33.86 6.61 6.13
CA VAL B 365 34.50 7.80 5.63
C VAL B 365 33.82 9.04 6.18
N ILE B 366 32.50 8.97 6.38
CA ILE B 366 31.68 10.06 6.92
C ILE B 366 30.69 9.51 7.95
N GLY B 367 30.24 10.38 8.87
CA GLY B 367 29.32 9.93 9.91
C GLY B 367 28.26 10.97 10.18
N PRO B 368 27.37 10.71 11.14
CA PRO B 368 26.35 11.72 11.52
C PRO B 368 26.93 13.04 12.04
N GLN B 369 28.21 13.03 12.45
CA GLN B 369 28.87 14.24 12.97
C GLN B 369 29.15 15.20 11.88
N HIS B 370 29.05 14.74 10.64
CA HIS B 370 29.45 15.49 9.46
C HIS B 370 28.32 16.07 8.62
N LEU B 371 27.08 15.88 9.08
CA LEU B 371 25.92 16.30 8.30
C LEU B 371 25.80 17.83 8.24
N GLU B 372 25.99 18.51 9.37
CA GLU B 372 25.90 19.95 9.41
C GLU B 372 27.18 20.59 8.86
N GLN B 373 28.31 19.91 9.03
CA GLN B 373 29.61 20.48 8.68
C GLN B 373 30.55 19.38 8.31
N LEU B 374 31.13 19.46 7.13
CA LEU B 374 32.11 18.48 6.72
C LEU B 374 33.54 18.99 7.03
N PRO B 375 34.19 18.45 8.08
CA PRO B 375 35.61 18.85 8.35
C PRO B 375 36.50 18.60 7.15
N ARG B 376 37.48 19.46 6.98
CA ARG B 376 38.43 19.36 5.87
C ARG B 376 39.07 17.95 5.71
N LYS B 377 39.53 17.33 6.81
CA LYS B 377 40.05 15.97 6.73
C LYS B 377 39.03 15.00 6.06
N ASN B 378 37.76 15.14 6.37
CA ASN B 378 36.75 14.27 5.73
C ASN B 378 36.49 14.57 4.25
N LYS B 379 36.44 15.86 3.89
CA LYS B 379 36.38 16.26 2.47
C LYS B 379 37.51 15.58 1.65
N ILE B 380 38.74 15.63 2.21
CA ILE B 380 39.89 14.91 1.68
C ILE B 380 39.64 13.41 1.55
N ALA B 381 39.21 12.77 2.63
CA ALA B 381 38.96 11.32 2.62
C ALA B 381 37.83 10.96 1.61
N VAL B 382 36.83 11.82 1.47
CA VAL B 382 35.78 11.66 0.43
C VAL B 382 36.36 11.69 -1.00
N ARG B 383 37.13 12.74 -1.32
CA ARG B 383 37.78 12.80 -2.65
C ARG B 383 38.67 11.62 -2.94
N THR B 384 39.50 11.27 -1.97
CA THR B 384 40.39 10.11 -2.06
C THR B 384 39.63 8.83 -2.28
N TRP B 385 38.59 8.60 -1.49
CA TRP B 385 37.74 7.41 -1.66
C TRP B 385 37.07 7.37 -3.03
N LEU B 386 36.48 8.49 -3.46
CA LEU B 386 35.97 8.56 -4.84
C LEU B 386 37.06 8.20 -5.86
N PHE B 387 38.25 8.78 -5.71
CA PHE B 387 39.31 8.54 -6.68
C PHE B 387 39.75 7.09 -6.69
N GLU B 388 39.97 6.53 -5.51
CA GLU B 388 40.49 5.17 -5.42
C GLU B 388 39.42 4.11 -5.66
N ASN B 389 38.20 4.38 -5.19
CA ASN B 389 37.17 3.32 -5.15
C ASN B 389 35.97 3.46 -6.04
N GLY B 390 35.68 4.68 -6.50
CA GLY B 390 34.52 4.90 -7.36
C GLY B 390 34.25 3.83 -8.43
N GLU B 391 35.27 3.57 -9.27
CA GLU B 391 35.08 2.71 -10.44
C GLU B 391 34.69 1.32 -10.00
N GLU B 392 35.24 0.88 -8.89
CA GLU B 392 34.94 -0.45 -8.46
C GLU B 392 33.57 -0.42 -7.81
N ARG B 393 33.31 0.59 -6.97
CA ARG B 393 32.02 0.53 -6.18
C ARG B 393 30.77 0.54 -7.08
N VAL B 394 30.86 1.37 -8.11
CA VAL B 394 29.85 1.54 -9.12
C VAL B 394 29.49 0.21 -9.74
N THR B 395 30.45 -0.71 -9.86
CA THR B 395 30.15 -2.04 -10.37
C THR B 395 29.44 -2.91 -9.38
N ARG B 396 29.31 -2.45 -8.14
CA ARG B 396 28.53 -3.15 -7.11
C ARG B 396 27.05 -2.83 -7.15
N MET B 397 26.61 -2.09 -8.17
CA MET B 397 25.29 -1.51 -8.17
C MET B 397 24.59 -1.78 -9.48
N ALA B 398 23.27 -1.82 -9.42
CA ALA B 398 22.52 -1.79 -10.64
C ALA B 398 21.40 -0.77 -10.37
N ILE B 399 21.47 0.33 -11.11
CA ILE B 399 20.60 1.50 -10.93
C ILE B 399 19.86 1.76 -12.23
N SER B 400 18.52 1.75 -12.15
CA SER B 400 17.67 2.09 -13.26
C SER B 400 16.69 3.06 -12.72
N GLY B 401 16.94 4.35 -12.99
CA GLY B 401 16.06 5.38 -12.43
C GLY B 401 16.12 5.32 -10.92
N ASP B 402 14.94 5.26 -10.31
CA ASP B 402 14.85 5.22 -8.85
C ASP B 402 14.98 3.80 -8.31
N ASP B 403 15.08 2.80 -9.19
CA ASP B 403 15.29 1.43 -8.73
C ASP B 403 16.79 1.23 -8.57
N CYS B 404 17.19 0.56 -7.51
CA CYS B 404 18.59 0.29 -7.25
C CYS B 404 18.83 -1.05 -6.52
N VAL B 405 19.97 -1.66 -6.81
CA VAL B 405 20.48 -2.82 -6.10
C VAL B 405 21.95 -2.52 -5.80
N VAL B 406 22.40 -2.78 -4.59
CA VAL B 406 23.78 -2.45 -4.22
C VAL B 406 24.29 -3.60 -3.34
N LYS B 407 25.53 -4.05 -3.59
CA LYS B 407 26.16 -5.01 -2.69
C LYS B 407 27.40 -4.34 -2.08
N PRO B 408 27.25 -3.83 -0.88
CA PRO B 408 28.32 -3.14 -0.15
C PRO B 408 29.38 -4.13 0.23
N LEU B 409 30.51 -3.61 0.69
CA LEU B 409 31.63 -4.42 1.19
C LEU B 409 31.23 -5.28 2.41
N ASP B 410 30.33 -4.72 3.20
CA ASP B 410 29.90 -5.32 4.44
C ASP B 410 28.61 -4.69 4.89
N ASP B 411 27.98 -5.31 5.87
CA ASP B 411 26.59 -4.97 6.29
C ASP B 411 26.39 -3.77 7.24
N ARG B 412 27.44 -3.05 7.59
CA ARG B 412 27.23 -1.70 8.14
C ARG B 412 26.37 -0.84 7.19
N PHE B 413 26.35 -1.17 5.88
CA PHE B 413 25.46 -0.50 4.90
C PHE B 413 24.03 -0.50 5.45
N ALA B 414 23.60 -1.58 6.13
CA ALA B 414 22.26 -1.62 6.72
C ALA B 414 21.91 -0.41 7.59
N THR B 415 22.88 0.03 8.37
CA THR B 415 22.64 1.07 9.37
C THR B 415 23.06 2.44 8.86
N ALA B 416 23.62 2.50 7.66
CA ALA B 416 24.21 3.76 7.18
C ALA B 416 23.10 4.65 6.56
N LEU B 417 22.42 5.39 7.42
CA LEU B 417 21.14 6.00 7.05
C LEU B 417 21.15 7.49 7.28
N HIS B 418 22.20 7.97 7.90
CA HIS B 418 22.20 9.36 8.29
C HIS B 418 22.24 10.30 7.12
N PHE B 419 23.21 10.05 6.24
CA PHE B 419 23.27 10.80 5.00
C PHE B 419 22.04 10.53 4.13
N LEU B 420 21.62 9.28 4.05
CA LEU B 420 20.49 8.97 3.20
C LEU B 420 19.22 9.70 3.62
N ASN B 421 18.86 9.59 4.90
CA ASN B 421 17.75 10.38 5.41
C ASN B 421 17.93 11.90 5.27
N ALA B 422 19.13 12.44 5.51
CA ALA B 422 19.33 13.90 5.48
C ALA B 422 19.12 14.41 4.04
N MET B 423 19.32 13.51 3.07
CA MET B 423 19.17 13.82 1.67
C MET B 423 17.70 13.69 1.24
N SER B 424 16.80 13.45 2.21
CA SER B 424 15.35 13.29 1.96
C SER B 424 15.05 12.02 1.18
N LYS B 425 16.04 11.15 1.02
CA LYS B 425 15.87 9.91 0.26
C LYS B 425 15.43 8.85 1.23
N VAL B 426 14.27 9.11 1.84
CA VAL B 426 13.67 8.25 2.87
C VAL B 426 13.22 6.96 2.24
N ARG B 427 13.62 5.84 2.86
CA ARG B 427 13.26 4.53 2.28
C ARG B 427 11.79 4.24 2.50
N LYS B 428 11.22 3.47 1.61
CA LYS B 428 9.82 3.15 1.61
C LYS B 428 9.45 2.03 2.56
N ASP B 429 8.26 2.18 3.21
CA ASP B 429 7.61 1.09 3.96
C ASP B 429 8.53 0.45 5.00
N ILE B 430 9.45 1.22 5.56
CA ILE B 430 10.22 0.77 6.70
C ILE B 430 10.33 2.00 7.59
N GLN B 431 10.28 1.79 8.90
CA GLN B 431 10.52 2.92 9.82
C GLN B 431 11.87 3.58 9.52
N GLU B 432 11.92 4.90 9.69
CA GLU B 432 13.01 5.75 9.21
C GLU B 432 14.45 5.32 9.64
N TRP B 433 14.57 4.84 10.88
CA TRP B 433 15.87 4.48 11.40
C TRP B 433 16.03 2.99 11.62
N LYS B 434 15.11 2.19 11.13
CA LYS B 434 15.30 0.77 11.26
C LYS B 434 16.33 0.28 10.20
N PRO B 435 17.31 -0.53 10.59
CA PRO B 435 18.32 -0.93 9.61
C PRO B 435 17.64 -1.59 8.35
N SER B 436 18.27 -1.48 7.17
CA SER B 436 17.72 -2.14 5.97
C SER B 436 17.79 -3.64 6.07
N HIS B 437 16.88 -4.34 5.40
CA HIS B 437 16.97 -5.77 5.17
C HIS B 437 17.81 -6.01 3.94
N GLY B 438 18.73 -6.96 4.03
CA GLY B 438 19.48 -7.39 2.82
C GLY B 438 19.21 -8.87 2.58
N TRP B 439 19.63 -9.39 1.43
CA TRP B 439 19.42 -10.80 1.09
C TRP B 439 20.75 -11.46 0.81
N HIS B 440 20.99 -12.68 1.32
CA HIS B 440 22.16 -13.52 0.90
C HIS B 440 22.00 -14.16 -0.48
N ASP B 441 20.75 -14.36 -0.89
CA ASP B 441 20.39 -14.96 -2.17
C ASP B 441 19.95 -13.93 -3.21
N TRP B 442 20.79 -13.74 -4.23
CA TRP B 442 20.52 -12.77 -5.35
C TRP B 442 19.18 -13.01 -6.05
N GLN B 443 18.69 -14.24 -5.94
CA GLN B 443 17.39 -14.61 -6.50
C GLN B 443 16.19 -14.08 -5.78
N GLN B 444 16.39 -13.50 -4.60
CA GLN B 444 15.29 -12.85 -3.87
C GLN B 444 15.26 -11.32 -4.07
N VAL B 445 16.25 -10.81 -4.75
CA VAL B 445 16.38 -9.39 -4.88
C VAL B 445 15.45 -8.86 -5.99
N PRO B 446 14.47 -8.00 -5.64
CA PRO B 446 13.58 -7.29 -6.58
C PRO B 446 14.27 -6.09 -7.26
N PHE B 447 13.97 -5.91 -8.55
CA PHE B 447 14.61 -4.89 -9.37
C PHE B 447 13.82 -4.76 -10.66
N CYS B 448 13.31 -3.56 -10.92
CA CYS B 448 12.64 -3.21 -12.17
C CYS B 448 11.46 -4.14 -12.32
N SER B 449 10.75 -4.31 -11.22
CA SER B 449 9.47 -5.07 -11.23
C SER B 449 9.61 -6.58 -11.31
N ASN B 450 10.83 -7.05 -11.23
CA ASN B 450 11.05 -8.47 -11.25
C ASN B 450 11.94 -8.93 -10.11
N HIS B 451 11.96 -10.25 -9.89
CA HIS B 451 13.11 -10.93 -9.32
C HIS B 451 13.59 -11.91 -10.42
N PHE B 452 14.71 -12.59 -10.18
CA PHE B 452 15.29 -13.42 -11.21
C PHE B 452 15.67 -14.78 -10.62
N GLN B 453 15.59 -15.83 -11.44
CA GLN B 453 15.67 -17.22 -10.99
C GLN B 453 16.61 -17.93 -11.94
N GLU B 454 17.59 -18.65 -11.41
CA GLU B 454 18.46 -19.51 -12.19
C GLU B 454 17.76 -20.85 -12.44
N ILE B 455 17.47 -21.20 -13.69
CA ILE B 455 16.81 -22.49 -13.90
C ILE B 455 17.58 -23.40 -14.82
N VAL B 456 17.62 -24.68 -14.46
CA VAL B 456 18.39 -25.70 -15.21
C VAL B 456 17.54 -26.31 -16.36
N MET B 457 18.00 -26.20 -17.59
CA MET B 457 17.33 -26.87 -18.72
C MET B 457 17.62 -28.36 -18.73
N LYS B 458 16.87 -29.09 -19.58
CA LYS B 458 17.06 -30.52 -19.77
C LYS B 458 18.42 -30.86 -20.31
N ASP B 459 18.95 -30.09 -21.25
CA ASP B 459 20.32 -30.35 -21.73
C ASP B 459 21.43 -30.01 -20.70
N GLY B 460 21.01 -29.69 -19.47
CA GLY B 460 21.95 -29.43 -18.39
C GLY B 460 22.44 -27.99 -18.28
N ARG B 461 22.26 -27.17 -19.30
CA ARG B 461 22.63 -25.75 -19.15
C ARG B 461 21.60 -24.97 -18.31
N SER B 462 22.06 -23.93 -17.66
CA SER B 462 21.20 -23.07 -16.83
C SER B 462 20.97 -21.68 -17.50
N ILE B 463 19.80 -21.08 -17.24
CA ILE B 463 19.53 -19.67 -17.61
C ILE B 463 18.97 -18.89 -16.43
N VAL B 464 19.10 -17.56 -16.45
CA VAL B 464 18.56 -16.72 -15.40
C VAL B 464 17.39 -15.91 -16.01
N VAL B 465 16.17 -16.19 -15.55
CA VAL B 465 15.00 -15.62 -16.19
C VAL B 465 14.30 -14.62 -15.26
N PRO B 466 13.63 -13.60 -15.84
CA PRO B 466 12.79 -12.70 -15.01
C PRO B 466 11.51 -13.40 -14.56
N CYS B 467 11.03 -13.01 -13.38
CA CYS B 467 9.81 -13.47 -12.84
C CYS B 467 9.11 -12.38 -11.96
N ARG B 468 7.80 -12.30 -12.08
CA ARG B 468 6.99 -11.37 -11.31
C ARG B 468 5.56 -11.87 -11.14
N GLY B 469 4.78 -11.25 -10.28
CA GLY B 469 3.40 -11.62 -10.07
C GLY B 469 2.63 -11.85 -11.35
N GLN B 470 2.05 -13.01 -11.48
CA GLN B 470 1.25 -13.35 -12.68
C GLN B 470 -0.07 -12.60 -12.79
N ASP B 471 -0.73 -12.34 -11.68
CA ASP B 471 -1.97 -11.57 -11.72
C ASP B 471 -1.72 -10.23 -12.41
N GLU B 472 -0.68 -9.52 -12.04
CA GLU B 472 -0.42 -8.23 -12.70
C GLU B 472 -0.25 -8.39 -14.25
N LEU B 473 0.42 -9.43 -14.67
CA LEU B 473 0.71 -9.62 -16.09
C LEU B 473 -0.57 -9.87 -16.84
N ILE B 474 -1.41 -10.76 -16.27
CA ILE B 474 -2.70 -11.13 -16.87
C ILE B 474 -3.59 -9.91 -16.85
N GLY B 475 -3.65 -9.25 -15.69
CA GLY B 475 -4.45 -8.04 -15.53
C GLY B 475 -4.17 -7.01 -16.60
N ARG B 476 -2.88 -6.77 -16.86
CA ARG B 476 -2.46 -5.80 -17.85
C ARG B 476 -2.80 -6.19 -19.27
N ALA B 477 -2.67 -7.49 -19.56
CA ALA B 477 -2.93 -8.02 -20.89
C ALA B 477 -4.42 -7.94 -21.19
N ARG B 478 -5.24 -7.94 -20.14
CA ARG B 478 -6.67 -7.83 -20.31
C ARG B 478 -7.13 -6.43 -20.60
N ILE B 479 -6.24 -5.46 -20.42
CA ILE B 479 -6.63 -4.06 -20.67
C ILE B 479 -6.32 -3.63 -22.09
N SER B 480 -7.26 -2.94 -22.69
CA SER B 480 -7.13 -2.46 -24.04
C SER B 480 -7.21 -0.94 -23.97
N PRO B 481 -6.13 -0.25 -24.37
CA PRO B 481 -6.12 1.23 -24.32
C PRO B 481 -7.04 1.84 -25.37
N GLY B 482 -7.51 1.03 -26.32
CA GLY B 482 -8.21 1.57 -27.49
C GLY B 482 -9.73 1.75 -27.42
N ALA B 483 -10.19 3.01 -27.49
CA ALA B 483 -11.58 3.27 -27.91
C ALA B 483 -11.65 2.92 -29.40
N GLY B 484 -10.61 3.40 -30.10
CA GLY B 484 -10.35 3.15 -31.53
C GLY B 484 -9.37 2.02 -31.82
N TRP B 485 -9.68 0.83 -31.27
CA TRP B 485 -9.04 -0.47 -31.62
C TRP B 485 -9.99 -1.41 -32.43
N ASN B 486 -9.51 -1.91 -33.58
CA ASN B 486 -10.21 -2.93 -34.38
C ASN B 486 -10.46 -4.20 -33.58
N VAL B 487 -11.32 -5.08 -34.11
CA VAL B 487 -11.18 -6.48 -33.80
C VAL B 487 -9.76 -6.92 -34.11
N LYS B 488 -9.25 -6.54 -35.29
CA LYS B 488 -7.85 -6.80 -35.60
C LYS B 488 -6.81 -6.19 -34.62
N ASP B 489 -6.99 -4.96 -34.18
CA ASP B 489 -5.98 -4.37 -33.30
C ASP B 489 -6.05 -4.91 -31.89
N THR B 490 -7.25 -5.29 -31.46
CA THR B 490 -7.43 -6.01 -30.21
C THR B 490 -6.68 -7.33 -30.23
N ALA B 491 -6.87 -8.09 -31.30
CA ALA B 491 -6.26 -9.39 -31.42
C ALA B 491 -4.75 -9.26 -31.58
N CYS B 492 -4.28 -8.21 -32.26
CA CYS B 492 -2.82 -8.00 -32.40
C CYS B 492 -2.17 -7.57 -31.08
N LEU B 493 -2.88 -6.78 -30.28
CA LEU B 493 -2.40 -6.47 -28.95
C LEU B 493 -2.29 -7.74 -28.09
N ALA B 494 -3.35 -8.57 -28.11
CA ALA B 494 -3.36 -9.79 -27.33
C ALA B 494 -2.16 -10.60 -27.74
N LYS B 495 -1.90 -10.60 -29.05
CA LYS B 495 -0.75 -11.32 -29.60
C LYS B 495 0.57 -10.76 -29.06
N ALA B 496 0.66 -9.44 -28.99
CA ALA B 496 1.84 -8.79 -28.35
C ALA B 496 2.10 -9.25 -26.94
N TYR B 497 1.04 -9.31 -26.12
CA TYR B 497 1.20 -9.81 -24.75
C TYR B 497 1.65 -11.25 -24.72
N ALA B 498 1.00 -12.06 -25.56
CA ALA B 498 1.25 -13.46 -25.57
C ALA B 498 2.69 -13.70 -25.95
N GLN B 499 3.15 -13.00 -26.99
CA GLN B 499 4.51 -13.25 -27.43
C GLN B 499 5.54 -12.69 -26.45
N MET B 500 5.23 -11.56 -25.81
CA MET B 500 6.09 -11.08 -24.72
C MET B 500 6.23 -12.15 -23.61
N TRP B 501 5.11 -12.72 -23.20
CA TRP B 501 5.17 -13.82 -22.23
C TRP B 501 5.99 -15.00 -22.73
N LEU B 502 5.94 -15.30 -24.03
CA LEU B 502 6.76 -16.46 -24.54
C LEU B 502 8.23 -16.12 -24.53
N LEU B 503 8.59 -14.85 -24.68
CA LEU B 503 10.01 -14.55 -24.68
C LEU B 503 10.57 -14.38 -23.27
N LEU B 504 9.75 -13.87 -22.31
CA LEU B 504 10.27 -13.51 -20.99
C LEU B 504 9.77 -14.39 -19.86
N TYR B 505 8.55 -14.89 -20.00
CA TYR B 505 7.87 -15.59 -18.92
C TYR B 505 7.38 -16.98 -19.33
N PHE B 506 8.00 -17.52 -20.37
CA PHE B 506 7.74 -18.91 -20.81
C PHE B 506 7.82 -19.95 -19.66
N HIS B 507 8.67 -19.70 -18.66
CA HIS B 507 8.87 -20.63 -17.55
C HIS B 507 7.68 -20.64 -16.55
N ARG B 508 6.63 -19.91 -16.88
CA ARG B 508 5.46 -19.91 -16.04
C ARG B 508 4.39 -20.72 -16.78
N ARG B 509 3.89 -21.79 -16.15
CA ARG B 509 2.94 -22.71 -16.81
C ARG B 509 1.69 -22.03 -17.34
N ASP B 510 0.99 -21.24 -16.49
CA ASP B 510 -0.24 -20.62 -16.92
C ASP B 510 0.01 -19.71 -18.13
N LEU B 511 1.06 -18.88 -18.08
CA LEU B 511 1.34 -17.94 -19.18
C LEU B 511 1.72 -18.65 -20.50
N ARG B 512 2.54 -19.71 -20.42
CA ARG B 512 2.86 -20.47 -21.62
C ARG B 512 1.59 -21.02 -22.23
N LEU B 513 0.75 -21.58 -21.37
CA LEU B 513 -0.49 -22.15 -21.86
C LEU B 513 -1.37 -21.08 -22.49
N MET B 514 -1.55 -19.96 -21.76
CA MET B 514 -2.39 -18.83 -22.19
C MET B 514 -1.87 -18.15 -23.44
N ALA B 515 -0.55 -17.90 -23.49
CA ALA B 515 0.10 -17.34 -24.68
C ALA B 515 -0.15 -18.22 -25.92
N ASN B 516 -0.03 -19.52 -25.74
CA ASN B 516 -0.16 -20.40 -26.88
C ASN B 516 -1.62 -20.37 -27.39
N ALA B 517 -2.57 -20.41 -26.45
CA ALA B 517 -4.00 -20.38 -26.79
C ALA B 517 -4.38 -19.09 -27.55
N ILE B 518 -3.86 -17.95 -27.08
CA ILE B 518 -3.97 -16.69 -27.83
C ILE B 518 -3.36 -16.82 -29.23
N CYS B 519 -2.18 -17.44 -29.33
CA CYS B 519 -1.44 -17.47 -30.60
C CYS B 519 -2.13 -18.36 -31.61
N SER B 520 -2.80 -19.36 -31.09
CA SER B 520 -3.69 -20.24 -31.84
C SER B 520 -5.02 -19.57 -32.23
N ALA B 521 -5.45 -18.52 -31.50
CA ALA B 521 -6.74 -17.92 -31.81
C ALA B 521 -6.68 -16.72 -32.74
N VAL B 522 -5.48 -16.22 -33.00
CA VAL B 522 -5.29 -14.99 -33.76
C VAL B 522 -4.54 -15.39 -35.01
N PRO B 523 -4.92 -14.87 -36.20
CA PRO B 523 -4.33 -15.19 -37.49
C PRO B 523 -2.79 -15.08 -37.46
N VAL B 524 -2.12 -16.12 -37.93
CA VAL B 524 -0.68 -16.24 -37.77
C VAL B 524 0.11 -15.18 -38.56
N ASP B 525 -0.47 -14.67 -39.63
CA ASP B 525 0.15 -13.59 -40.38
C ASP B 525 -0.11 -12.16 -39.82
N TRP B 526 -0.91 -12.03 -38.76
CA TRP B 526 -1.17 -10.71 -38.19
C TRP B 526 0.00 -10.31 -37.29
N VAL B 527 0.47 -9.09 -37.47
CA VAL B 527 1.65 -8.62 -36.74
C VAL B 527 1.20 -7.93 -35.44
N PRO B 528 1.83 -8.33 -34.30
CA PRO B 528 1.50 -7.71 -33.01
C PRO B 528 1.69 -6.21 -33.06
N THR B 529 0.73 -5.47 -32.53
CA THR B 529 0.84 -4.01 -32.45
C THR B 529 0.55 -3.63 -31.02
N GLY B 530 0.84 -2.38 -30.69
CA GLY B 530 0.54 -1.86 -29.37
C GLY B 530 1.71 -2.01 -28.41
N ARG B 531 1.44 -1.75 -27.14
CA ARG B 531 2.47 -1.57 -26.15
C ARG B 531 2.12 -2.54 -25.04
N THR B 532 3.10 -3.31 -24.57
CA THR B 532 2.87 -4.26 -23.52
C THR B 532 3.46 -3.73 -22.23
N SER B 533 4.33 -2.75 -22.33
CA SER B 533 5.01 -2.27 -21.14
C SER B 533 5.58 -0.92 -21.42
N TRP B 534 5.69 -0.10 -20.39
CA TRP B 534 6.28 1.23 -20.48
C TRP B 534 7.78 1.20 -20.12
N SER B 535 8.22 0.10 -19.53
CA SER B 535 9.57 -0.01 -19.02
C SER B 535 10.66 0.22 -20.09
N ILE B 536 11.66 1.01 -19.72
CA ILE B 536 12.73 1.26 -20.62
C ILE B 536 13.45 -0.04 -20.97
N HIS B 537 13.21 -1.09 -20.15
CA HIS B 537 13.81 -2.38 -20.34
C HIS B 537 12.97 -3.38 -21.17
N SER B 538 11.77 -3.01 -21.65
CA SER B 538 11.10 -3.92 -22.67
C SER B 538 11.48 -3.51 -24.01
N LYS B 539 12.14 -4.40 -24.72
CA LYS B 539 12.75 -4.05 -26.02
C LYS B 539 11.91 -4.43 -27.22
N GLY B 540 10.89 -5.21 -26.98
CA GLY B 540 9.86 -5.44 -27.99
C GLY B 540 10.24 -6.53 -28.97
N GLU B 541 11.17 -7.43 -28.64
CA GLU B 541 11.59 -8.51 -29.56
C GLU B 541 10.39 -9.36 -29.94
N TRP B 542 9.30 -9.25 -29.18
CA TRP B 542 8.09 -10.05 -29.42
C TRP B 542 7.15 -9.43 -30.45
N MET B 543 7.51 -8.22 -30.90
CA MET B 543 6.63 -7.49 -31.81
C MET B 543 6.97 -7.98 -33.23
N THR B 544 6.50 -9.19 -33.54
CA THR B 544 6.96 -9.83 -34.78
C THR B 544 6.10 -11.00 -35.19
N THR B 545 6.14 -11.39 -36.45
CA THR B 545 5.50 -12.63 -36.91
C THR B 545 6.48 -13.79 -37.06
N GLU B 546 7.78 -13.52 -36.88
CA GLU B 546 8.75 -14.59 -36.77
C GLU B 546 8.30 -15.62 -35.69
N ASP B 547 8.54 -16.90 -35.98
CA ASP B 547 8.35 -18.01 -35.05
C ASP B 547 9.08 -17.69 -33.74
N MET B 548 8.35 -17.73 -32.62
CA MET B 548 8.87 -17.24 -31.33
C MET B 548 9.97 -18.13 -30.74
N LEU B 549 10.06 -19.35 -31.25
CA LEU B 549 11.13 -20.23 -30.79
C LEU B 549 12.47 -19.78 -31.38
N GLN B 550 12.44 -19.23 -32.60
CA GLN B 550 13.63 -18.65 -33.22
C GLN B 550 14.08 -17.39 -32.51
N VAL B 551 13.10 -16.59 -32.08
CA VAL B 551 13.37 -15.35 -31.33
C VAL B 551 13.91 -15.71 -29.95
N TRP B 552 13.32 -16.75 -29.34
CA TRP B 552 13.79 -17.32 -28.06
C TRP B 552 15.24 -17.76 -28.14
N ASN B 553 15.55 -18.58 -29.16
CA ASN B 553 16.90 -19.00 -29.40
C ASN B 553 17.88 -17.88 -29.56
N ARG B 554 17.50 -16.87 -30.30
CA ARG B 554 18.38 -15.75 -30.52
C ARG B 554 18.65 -14.99 -29.19
N VAL B 555 17.59 -14.75 -28.41
CA VAL B 555 17.73 -14.01 -27.16
C VAL B 555 18.48 -14.84 -26.11
N TRP B 556 17.97 -16.05 -25.85
CA TRP B 556 18.46 -16.87 -24.71
C TRP B 556 19.71 -17.74 -24.96
N ILE B 557 20.06 -17.95 -26.23
CA ILE B 557 21.23 -18.75 -26.57
C ILE B 557 22.22 -17.87 -27.29
N GLU B 558 21.86 -17.50 -28.51
CA GLU B 558 22.75 -16.82 -29.42
C GLU B 558 23.29 -15.46 -28.92
N GLU B 559 22.42 -14.57 -28.45
CA GLU B 559 22.89 -13.25 -28.12
C GLU B 559 23.13 -13.09 -26.61
N ASN B 560 22.91 -14.19 -25.88
CA ASN B 560 23.10 -14.26 -24.45
C ASN B 560 24.59 -14.45 -24.10
N GLU B 561 25.26 -13.35 -23.82
CA GLU B 561 26.71 -13.40 -23.55
C GLU B 561 27.08 -14.22 -22.32
N TRP B 562 26.08 -14.73 -21.59
CA TRP B 562 26.37 -15.60 -20.46
C TRP B 562 26.10 -17.06 -20.81
N MET B 563 25.71 -17.31 -22.05
CA MET B 563 25.52 -18.66 -22.57
C MET B 563 26.77 -19.02 -23.40
N MET B 564 27.56 -19.99 -22.92
CA MET B 564 28.85 -20.31 -23.61
C MET B 564 28.67 -21.25 -24.77
N ASP B 565 28.03 -22.38 -24.50
CA ASP B 565 27.62 -23.30 -25.53
C ASP B 565 26.44 -22.71 -26.30
N LYS B 566 26.67 -22.48 -27.58
CA LYS B 566 25.71 -21.87 -28.46
C LYS B 566 24.78 -22.85 -29.14
N THR B 567 24.60 -24.04 -28.60
CA THR B 567 23.71 -25.03 -29.23
C THR B 567 22.26 -24.61 -29.14
N PRO B 568 21.60 -24.43 -30.32
CA PRO B 568 20.17 -24.06 -30.39
C PRO B 568 19.26 -25.08 -29.69
N ILE B 569 18.20 -24.60 -29.04
CA ILE B 569 17.18 -25.50 -28.50
C ILE B 569 16.17 -25.71 -29.61
N ALA B 570 15.80 -26.96 -29.86
CA ALA B 570 14.98 -27.26 -31.04
C ALA B 570 13.48 -27.35 -30.80
N SER B 571 13.07 -27.53 -29.56
CA SER B 571 11.65 -27.67 -29.27
C SER B 571 11.22 -26.94 -27.98
N TRP B 572 10.00 -26.40 -27.95
CA TRP B 572 9.47 -25.81 -26.73
C TRP B 572 9.53 -26.80 -25.55
N THR B 573 9.50 -28.07 -25.91
CA THR B 573 9.69 -29.19 -24.98
C THR B 573 10.98 -29.10 -24.17
N ASP B 574 12.03 -28.54 -24.77
CA ASP B 574 13.31 -28.41 -24.08
C ASP B 574 13.51 -27.02 -23.41
N VAL B 575 12.49 -26.17 -23.51
CA VAL B 575 12.48 -24.89 -22.81
C VAL B 575 11.88 -25.11 -21.41
N PRO B 576 12.65 -24.75 -20.37
CA PRO B 576 12.31 -25.11 -18.99
C PRO B 576 11.21 -24.25 -18.37
N TYR B 577 10.63 -24.76 -17.31
CA TYR B 577 9.68 -24.08 -16.47
C TYR B 577 10.39 -23.82 -15.15
N VAL B 578 9.89 -22.91 -14.31
CA VAL B 578 10.40 -22.81 -12.95
C VAL B 578 9.79 -23.94 -12.14
N GLY B 579 10.36 -24.20 -10.95
CA GLY B 579 9.78 -25.17 -10.04
C GLY B 579 8.33 -24.83 -9.71
N LYS B 580 7.52 -25.86 -9.45
CA LYS B 580 6.11 -25.67 -9.07
C LYS B 580 5.90 -24.70 -7.89
N ARG B 581 6.79 -24.84 -6.92
CA ARG B 581 6.80 -24.03 -5.74
C ARG B 581 6.83 -22.50 -6.06
N GLU B 582 7.85 -22.11 -6.81
CA GLU B 582 8.02 -20.79 -7.34
C GLU B 582 6.84 -20.28 -8.13
N ASP B 583 6.30 -21.13 -9.00
CA ASP B 583 5.27 -20.73 -9.93
C ASP B 583 4.06 -20.32 -9.11
N ILE B 584 3.79 -21.13 -8.07
CA ILE B 584 2.61 -20.95 -7.25
C ILE B 584 2.80 -19.72 -6.37
N TRP B 585 4.08 -19.48 -5.99
CA TRP B 585 4.46 -18.41 -5.14
C TRP B 585 4.14 -17.13 -5.88
N CYS B 586 4.52 -17.12 -7.15
CA CYS B 586 4.33 -15.95 -7.94
C CYS B 586 3.00 -15.93 -8.64
N GLY B 587 1.98 -16.59 -8.05
CA GLY B 587 0.59 -16.51 -8.52
C GLY B 587 0.03 -17.56 -9.48
N SER B 588 0.78 -18.65 -9.72
CA SER B 588 0.25 -19.70 -10.62
C SER B 588 -1.01 -20.35 -10.06
N LEU B 589 -1.92 -20.76 -10.95
CA LEU B 589 -3.18 -21.39 -10.53
C LEU B 589 -3.14 -22.94 -10.64
N ILE B 590 -1.95 -23.49 -10.88
CA ILE B 590 -1.81 -24.94 -11.03
C ILE B 590 -2.22 -25.51 -9.69
N GLY B 591 -2.70 -26.75 -9.68
CA GLY B 591 -3.21 -27.35 -8.45
C GLY B 591 -4.68 -27.11 -8.21
N THR B 592 -5.29 -26.15 -8.91
CA THR B 592 -6.70 -25.82 -8.66
C THR B 592 -7.64 -26.43 -9.68
N ARG B 593 -8.89 -26.60 -9.24
CA ARG B 593 -9.94 -27.14 -10.08
C ARG B 593 -10.27 -26.18 -11.22
N SER B 594 -10.33 -24.88 -10.93
CA SER B 594 -10.56 -23.86 -11.96
C SER B 594 -9.54 -23.92 -13.13
N ARG B 595 -8.26 -23.99 -12.79
CA ARG B 595 -7.18 -23.99 -13.80
C ARG B 595 -7.10 -25.31 -14.60
N ALA B 596 -7.39 -26.43 -13.96
CA ALA B 596 -7.57 -27.71 -14.64
C ALA B 596 -8.76 -27.72 -15.63
N THR B 597 -9.93 -27.22 -15.21
CA THR B 597 -11.09 -27.13 -16.14
C THR B 597 -10.77 -26.22 -17.33
N TRP B 598 -10.04 -25.15 -17.07
CA TRP B 598 -9.63 -24.20 -18.06
C TRP B 598 -8.72 -24.83 -19.13
N ALA B 599 -7.69 -25.51 -18.65
CA ALA B 599 -6.73 -26.14 -19.52
C ALA B 599 -7.44 -27.20 -20.40
N GLU B 600 -8.53 -27.77 -19.88
CA GLU B 600 -9.20 -28.88 -20.57
C GLU B 600 -10.24 -28.37 -21.55
N ASN B 601 -10.77 -27.19 -21.32
CA ASN B 601 -11.74 -26.64 -22.26
C ASN B 601 -11.25 -25.42 -23.06
N ILE B 602 -9.93 -25.20 -23.09
CA ILE B 602 -9.33 -24.02 -23.74
C ILE B 602 -9.71 -23.91 -25.23
N TYR B 603 -9.90 -25.07 -25.85
CA TYR B 603 -10.27 -25.13 -27.27
C TYR B 603 -11.59 -24.45 -27.59
N ALA B 604 -12.54 -24.49 -26.67
CA ALA B 604 -13.80 -23.82 -26.90
C ALA B 604 -13.60 -22.29 -26.98
N ALA B 605 -12.70 -21.76 -26.16
CA ALA B 605 -12.35 -20.32 -26.24
C ALA B 605 -11.60 -19.98 -27.54
N ILE B 606 -10.59 -20.78 -27.87
CA ILE B 606 -9.86 -20.59 -29.13
C ILE B 606 -10.79 -20.59 -30.36
N ASN B 607 -11.70 -21.53 -30.40
CA ASN B 607 -12.55 -21.67 -31.55
C ASN B 607 -13.52 -20.51 -31.61
N GLN B 608 -13.96 -20.06 -30.44
CA GLN B 608 -14.92 -18.98 -30.38
C GLN B 608 -14.29 -17.70 -30.94
N VAL B 609 -13.02 -17.48 -30.59
CA VAL B 609 -12.27 -16.33 -31.09
C VAL B 609 -12.08 -16.46 -32.59
N ARG B 610 -11.62 -17.63 -33.05
CA ARG B 610 -11.43 -17.86 -34.50
C ARG B 610 -12.73 -17.61 -35.28
N ALA B 611 -13.85 -17.95 -34.62
CA ALA B 611 -15.18 -17.82 -35.20
C ALA B 611 -15.59 -16.35 -35.26
N VAL B 612 -15.26 -15.54 -34.26
CA VAL B 612 -15.53 -14.11 -34.36
C VAL B 612 -14.64 -13.46 -35.43
N ILE B 613 -13.34 -13.73 -35.39
CA ILE B 613 -12.42 -13.13 -36.35
C ILE B 613 -12.71 -13.55 -37.78
N GLY B 614 -13.07 -14.83 -37.94
CA GLY B 614 -13.52 -15.31 -39.24
C GLY B 614 -12.50 -16.12 -40.01
N LYS B 615 -12.70 -16.22 -41.32
CA LYS B 615 -11.90 -17.14 -42.16
C LYS B 615 -10.45 -16.64 -42.39
N GLU B 616 -9.51 -17.22 -41.64
CA GLU B 616 -8.11 -16.77 -41.66
C GLU B 616 -7.17 -17.96 -41.57
N ASN B 617 -5.90 -17.71 -41.86
CA ASN B 617 -4.85 -18.72 -41.65
C ASN B 617 -4.48 -18.79 -40.16
N TYR B 618 -4.90 -19.86 -39.49
CA TYR B 618 -4.54 -20.12 -38.10
C TYR B 618 -3.60 -21.32 -37.90
N VAL B 619 -2.95 -21.38 -36.75
CA VAL B 619 -2.14 -22.53 -36.41
C VAL B 619 -2.55 -23.03 -35.03
N ASP B 620 -2.54 -24.36 -34.86
CA ASP B 620 -2.78 -25.01 -33.57
C ASP B 620 -1.44 -25.19 -32.82
N TYR B 621 -1.15 -24.27 -31.89
CA TYR B 621 0.11 -24.30 -31.14
C TYR B 621 -0.03 -25.07 -29.84
N MET B 622 -1.21 -25.61 -29.56
CA MET B 622 -1.40 -26.49 -28.40
C MET B 622 -0.90 -27.92 -28.67
N THR B 623 0.16 -28.09 -29.47
CA THR B 623 0.72 -29.42 -29.84
C THR B 623 1.11 -30.23 -28.58
N SER B 624 2.01 -29.67 -27.76
CA SER B 624 2.08 -30.11 -26.35
C SER B 624 1.36 -29.07 -25.48
PG ATP C . -4.41 -9.37 14.19
O1G ATP C . -5.71 -9.67 13.53
O2G ATP C . -4.57 -9.50 15.74
O3G ATP C . -3.24 -10.43 13.71
PB ATP C . -4.69 -7.13 14.99
O1B ATP C . -6.17 -7.52 14.89
O2B ATP C . -3.93 -7.16 16.30
O3B ATP C . -3.87 -8.01 14.00
PA ATP C . -6.01 -4.72 14.37
O1A ATP C . -5.47 -3.34 14.42
O2A ATP C . -6.89 -5.25 15.47
O3A ATP C . -4.68 -5.63 14.24
O5' ATP C . -6.83 -4.85 12.96
C5' ATP C . -6.97 -6.19 12.40
C4' ATP C . -7.81 -7.14 13.28
O4' ATP C . -8.71 -6.48 14.23
C3' ATP C . -8.72 -7.80 12.25
O3' ATP C . -8.15 -9.08 12.02
C2' ATP C . -10.02 -8.04 12.97
O2' ATP C . -10.01 -9.34 13.60
C1' ATP C . -10.11 -6.99 14.07
N9 ATP C . -11.19 -5.93 13.69
C8 ATP C . -12.34 -6.11 12.99
N7 ATP C . -12.96 -4.91 12.87
C5 ATP C . -12.25 -3.96 13.50
C6 ATP C . -12.37 -2.57 13.74
N6 ATP C . -13.41 -1.81 13.29
N1 ATP C . -11.37 -1.94 14.47
C2 ATP C . -10.31 -2.59 14.96
N3 ATP C . -10.18 -3.92 14.76
C4 ATP C . -11.12 -4.61 14.04
ZN ZN D . -15.68 14.65 31.29
ZN ZN E . -4.52 -19.19 3.10
PG ATP F . 6.01 -2.81 -16.38
O1G ATP F . 5.66 -3.22 -17.77
O2G ATP F . 5.68 -3.96 -15.23
O3G ATP F . 7.60 -2.52 -16.19
PB ATP F . 5.53 -0.31 -16.50
O1B ATP F . 7.07 -0.17 -16.41
O2B ATP F . 4.75 -0.21 -17.81
O3B ATP F . 5.11 -1.67 -15.90
PA ATP F . 6.18 1.93 -14.86
O1A ATP F . 5.35 3.07 -14.33
O2A ATP F . 7.22 2.21 -15.90
O3A ATP F . 5.08 0.75 -15.31
O5' ATP F . 6.90 1.33 -13.56
C5' ATP F . 8.33 1.41 -13.48
C4' ATP F . 8.98 0.48 -14.59
O4' ATP F . 9.78 1.29 -15.52
C3' ATP F . 9.87 -0.55 -13.94
O3' ATP F . 9.33 -1.80 -14.28
C2' ATP F . 11.23 -0.40 -14.62
O2' ATP F . 11.41 -1.41 -15.64
C1' ATP F . 11.22 0.97 -15.29
N9 ATP F . 11.88 2.02 -14.43
C8 ATP F . 12.97 1.87 -13.65
N7 ATP F . 13.19 3.07 -13.05
C5 ATP F . 12.28 3.98 -13.47
C6 ATP F . 12.00 5.36 -13.21
N6 ATP F . 12.73 6.16 -12.39
N1 ATP F . 10.90 5.93 -13.86
C2 ATP F . 10.11 5.24 -14.70
N3 ATP F . 10.38 3.95 -14.94
C4 ATP F . 11.44 3.30 -14.35
ZN ZN G . 10.46 27.57 -23.94
ZN ZN H . 8.85 -15.36 -9.16
#